data_1F29
#
_entry.id   1F29
#
_cell.length_a   45.230
_cell.length_b   155.460
_cell.length_c   45.860
_cell.angle_alpha   90.00
_cell.angle_beta   116.22
_cell.angle_gamma   90.00
#
_symmetry.space_group_name_H-M   'P 1 21 1'
#
loop_
_entity.id
_entity.type
_entity.pdbx_description
1 polymer CRUZAIN
2 non-polymer '3-[[N-[MORPHOLIN-N-YL]-CARBONYL]-PHENYLALANINYL-AMINO]-5- PHENYL-PENTANE-1-SULFONYLBENZENE'
3 water water
#
_entity_poly.entity_id   1
_entity_poly.type   'polypeptide(L)'
_entity_poly.pdbx_seq_one_letter_code
;APAAVDWRARGAVTAVKDQGQCGSCWAFSAIGNVECQWFLAGHPLTNLSEQMLVSCDKTDSGCSGGLMNNAFEWIVQENN
GAVYTEDSYPYASGEGISPPCTTSGHTVGATITGHVELPQDEAQIAAWLAVNGPVAVAVDASSWMTYTGGVMTSCVSEQL
DHGVLLVGYNDSAAVPYWIIKNSWTTQWGEEGYIRIAKGSNQCLVKEEASSAVVG
;
_entity_poly.pdbx_strand_id   A,B,C
#
loop_
_chem_comp.id
_chem_comp.type
_chem_comp.name
_chem_comp.formula
VS1 non-polymer '3-[[N-[MORPHOLIN-N-YL]-CARBONYL]-PHENYLALANINYL-AMINO]-5- PHENYL-PENTANE-1-SULFONYLBENZENE' 'C31 H37 N3 O5 S'
#
# COMPACT_ATOMS: atom_id res chain seq x y z
N ALA A 1 -9.23 -27.64 -23.26
CA ALA A 1 -8.49 -27.77 -21.97
C ALA A 1 -9.37 -28.22 -20.80
N PRO A 2 -10.52 -27.53 -20.59
CA PRO A 2 -11.39 -27.93 -19.47
C PRO A 2 -11.80 -29.39 -19.56
N ALA A 3 -12.02 -30.00 -18.39
CA ALA A 3 -12.43 -31.40 -18.33
C ALA A 3 -13.81 -31.60 -18.93
N ALA A 4 -14.67 -30.61 -18.75
CA ALA A 4 -16.03 -30.66 -19.25
C ALA A 4 -16.56 -29.28 -19.61
N VAL A 5 -17.27 -29.21 -20.72
CA VAL A 5 -17.86 -27.95 -21.18
C VAL A 5 -19.28 -28.24 -21.68
N ASP A 6 -20.24 -27.47 -21.21
CA ASP A 6 -21.62 -27.62 -21.65
C ASP A 6 -22.16 -26.21 -21.91
N TRP A 7 -22.25 -25.85 -23.19
CA TRP A 7 -22.73 -24.53 -23.57
C TRP A 7 -24.19 -24.24 -23.24
N ARG A 8 -24.98 -25.29 -23.01
CA ARG A 8 -26.39 -25.09 -22.63
C ARG A 8 -26.42 -24.45 -21.25
N ALA A 9 -25.43 -24.78 -20.43
CA ALA A 9 -25.31 -24.25 -19.06
C ALA A 9 -25.00 -22.76 -19.02
N ARG A 10 -24.49 -22.21 -20.12
CA ARG A 10 -24.18 -20.78 -20.20
C ARG A 10 -25.32 -20.03 -20.89
N GLY A 11 -26.39 -20.76 -21.23
CA GLY A 11 -27.52 -20.15 -21.90
C GLY A 11 -27.21 -19.71 -23.33
N ALA A 12 -26.35 -20.48 -24.00
CA ALA A 12 -25.93 -20.19 -25.36
C ALA A 12 -26.66 -21.01 -26.43
N VAL A 13 -27.51 -21.94 -26.01
CA VAL A 13 -28.22 -22.81 -26.96
C VAL A 13 -29.73 -22.64 -26.91
N THR A 14 -30.35 -22.52 -28.08
CA THR A 14 -31.80 -22.38 -28.17
C THR A 14 -32.46 -23.74 -27.98
N ALA A 15 -33.78 -23.75 -27.87
CA ALA A 15 -34.55 -24.97 -27.68
C ALA A 15 -34.43 -25.91 -28.88
N VAL A 16 -34.69 -27.19 -28.63
CA VAL A 16 -34.63 -28.21 -29.68
C VAL A 16 -35.79 -27.98 -30.65
N LYS A 17 -35.50 -28.05 -31.94
CA LYS A 17 -36.51 -27.82 -32.97
C LYS A 17 -36.95 -29.11 -33.67
N ASP A 18 -37.84 -28.97 -34.64
CA ASP A 18 -38.38 -30.10 -35.38
C ASP A 18 -38.30 -29.89 -36.89
N GLN A 19 -37.52 -30.71 -37.58
CA GLN A 19 -37.39 -30.58 -39.03
C GLN A 19 -38.52 -31.25 -39.79
N GLY A 20 -39.28 -32.10 -39.09
CA GLY A 20 -40.39 -32.80 -39.72
C GLY A 20 -39.95 -33.79 -40.78
N GLN A 21 -40.76 -33.93 -41.83
CA GLN A 21 -40.49 -34.85 -42.93
C GLN A 21 -39.57 -34.26 -44.01
N CYS A 22 -38.96 -33.13 -43.71
CA CYS A 22 -38.06 -32.48 -44.65
C CYS A 22 -36.62 -32.84 -44.29
N GLY A 23 -35.82 -33.21 -45.29
CA GLY A 23 -34.42 -33.55 -45.04
C GLY A 23 -33.57 -32.31 -44.94
N SER A 24 -33.94 -31.42 -44.03
CA SER A 24 -33.26 -30.14 -43.83
C SER A 24 -32.30 -30.07 -42.63
N CYS A 25 -31.80 -31.23 -42.21
CA CYS A 25 -30.87 -31.31 -41.08
C CYS A 25 -29.67 -30.38 -41.22
N TRP A 26 -29.21 -30.20 -42.46
CA TRP A 26 -28.07 -29.33 -42.75
C TRP A 26 -28.37 -27.88 -42.37
N ALA A 27 -29.63 -27.48 -42.54
CA ALA A 27 -30.07 -26.13 -42.23
C ALA A 27 -30.16 -25.92 -40.72
N PHE A 28 -30.59 -26.94 -39.98
CA PHE A 28 -30.69 -26.85 -38.53
C PHE A 28 -29.30 -26.85 -37.89
N SER A 29 -28.39 -27.60 -38.49
CA SER A 29 -27.01 -27.65 -38.01
C SER A 29 -26.34 -26.29 -38.20
N ALA A 30 -26.51 -25.72 -39.40
CA ALA A 30 -25.93 -24.42 -39.74
C ALA A 30 -26.49 -23.28 -38.89
N ILE A 31 -27.83 -23.19 -38.85
CA ILE A 31 -28.50 -22.14 -38.08
C ILE A 31 -28.28 -22.28 -36.57
N GLY A 32 -28.28 -23.50 -36.06
CA GLY A 32 -28.04 -23.72 -34.64
C GLY A 32 -26.67 -23.19 -34.25
N ASN A 33 -25.71 -23.36 -35.15
CA ASN A 33 -24.35 -22.88 -34.92
C ASN A 33 -24.32 -21.35 -34.91
N VAL A 34 -25.02 -20.73 -35.87
CA VAL A 34 -25.07 -19.27 -35.96
C VAL A 34 -25.77 -18.70 -34.73
N GLU A 35 -26.80 -19.38 -34.22
CA GLU A 35 -27.52 -18.93 -33.04
C GLU A 35 -26.59 -18.84 -31.84
N CYS A 36 -25.76 -19.86 -31.66
CA CYS A 36 -24.82 -19.90 -30.54
C CYS A 36 -23.71 -18.86 -30.70
N GLN A 37 -23.13 -18.79 -31.89
CA GLN A 37 -22.05 -17.85 -32.18
C GLN A 37 -22.49 -16.39 -32.02
N TRP A 38 -23.73 -16.10 -32.38
CA TRP A 38 -24.31 -14.76 -32.27
C TRP A 38 -24.42 -14.37 -30.79
N PHE A 39 -24.92 -15.29 -29.97
CA PHE A 39 -25.06 -15.04 -28.53
C PHE A 39 -23.69 -14.81 -27.90
N LEU A 40 -22.72 -15.64 -28.26
CA LEU A 40 -21.35 -15.54 -27.75
C LEU A 40 -20.62 -14.27 -28.19
N ALA A 41 -21.13 -13.62 -29.23
CA ALA A 41 -20.53 -12.38 -29.73
C ALA A 41 -21.04 -11.20 -28.91
N GLY A 42 -21.89 -11.48 -27.93
CA GLY A 42 -22.44 -10.46 -27.06
C GLY A 42 -23.83 -9.96 -27.43
N HIS A 43 -24.67 -10.83 -27.96
CA HIS A 43 -26.02 -10.46 -28.34
C HIS A 43 -27.00 -11.40 -27.65
N PRO A 44 -28.26 -10.95 -27.46
CA PRO A 44 -29.24 -11.83 -26.82
C PRO A 44 -29.55 -13.06 -27.68
N LEU A 45 -29.78 -14.19 -27.01
CA LEU A 45 -30.10 -15.45 -27.67
C LEU A 45 -31.33 -15.24 -28.53
N THR A 46 -31.17 -15.45 -29.83
CA THR A 46 -32.25 -15.25 -30.78
C THR A 46 -32.45 -16.46 -31.67
N ASN A 47 -33.70 -16.89 -31.81
CA ASN A 47 -34.04 -18.01 -32.68
C ASN A 47 -33.96 -17.51 -34.11
N LEU A 48 -33.16 -18.19 -34.92
CA LEU A 48 -32.97 -17.81 -36.31
C LEU A 48 -33.71 -18.76 -37.27
N SER A 49 -33.81 -18.34 -38.54
CA SER A 49 -34.56 -19.07 -39.54
C SER A 49 -33.90 -20.17 -40.37
N GLU A 50 -34.37 -21.40 -40.19
CA GLU A 50 -33.88 -22.51 -40.99
C GLU A 50 -34.55 -22.43 -42.36
N GLN A 51 -35.82 -22.01 -42.35
CA GLN A 51 -36.62 -21.87 -43.57
C GLN A 51 -35.94 -20.98 -44.61
N MET A 52 -35.28 -19.93 -44.14
CA MET A 52 -34.56 -19.02 -45.02
C MET A 52 -33.60 -19.81 -45.92
N LEU A 53 -32.87 -20.75 -45.31
CA LEU A 53 -31.92 -21.58 -46.05
C LEU A 53 -32.61 -22.62 -46.94
N VAL A 54 -33.59 -23.32 -46.38
CA VAL A 54 -34.31 -24.34 -47.12
C VAL A 54 -34.99 -23.79 -48.38
N SER A 55 -35.55 -22.60 -48.28
CA SER A 55 -36.24 -21.95 -49.40
C SER A 55 -35.39 -21.10 -50.33
N CYS A 56 -34.42 -20.37 -49.77
CA CYS A 56 -33.59 -19.46 -50.55
C CYS A 56 -32.19 -19.89 -50.97
N ASP A 57 -31.59 -20.79 -50.18
CA ASP A 57 -30.25 -21.26 -50.50
C ASP A 57 -30.31 -22.22 -51.69
N LYS A 58 -29.97 -21.72 -52.87
CA LYS A 58 -30.02 -22.53 -54.08
C LYS A 58 -28.72 -23.29 -54.38
N THR A 59 -27.71 -23.11 -53.52
CA THR A 59 -26.46 -23.83 -53.70
C THR A 59 -26.62 -25.18 -52.97
N ASP A 60 -27.79 -25.33 -52.34
CA ASP A 60 -28.16 -26.56 -51.62
C ASP A 60 -29.49 -27.06 -52.13
N SER A 61 -29.91 -28.25 -51.69
CA SER A 61 -31.14 -28.86 -52.20
C SER A 61 -32.37 -28.97 -51.30
N GLY A 62 -32.59 -27.97 -50.45
CA GLY A 62 -33.75 -27.97 -49.58
C GLY A 62 -34.02 -29.24 -48.78
N CYS A 63 -35.19 -29.83 -48.99
CA CYS A 63 -35.59 -31.04 -48.28
C CYS A 63 -34.87 -32.28 -48.79
N SER A 64 -34.07 -32.12 -49.84
CA SER A 64 -33.30 -33.22 -50.41
C SER A 64 -31.86 -33.21 -49.89
N GLY A 65 -31.56 -32.30 -48.97
CA GLY A 65 -30.23 -32.24 -48.40
C GLY A 65 -29.38 -31.04 -48.78
N GLY A 66 -28.25 -30.91 -48.10
CA GLY A 66 -27.33 -29.82 -48.35
C GLY A 66 -26.11 -29.94 -47.47
N LEU A 67 -25.25 -28.93 -47.52
CA LEU A 67 -24.01 -28.90 -46.76
C LEU A 67 -23.97 -27.64 -45.90
N MET A 68 -23.57 -27.79 -44.63
CA MET A 68 -23.49 -26.65 -43.72
C MET A 68 -22.52 -25.59 -44.26
N ASN A 69 -21.41 -26.03 -44.83
CA ASN A 69 -20.43 -25.10 -45.41
C ASN A 69 -21.00 -24.31 -46.59
N ASN A 70 -21.84 -24.94 -47.42
CA ASN A 70 -22.46 -24.25 -48.54
C ASN A 70 -23.43 -23.20 -48.01
N ALA A 71 -24.15 -23.54 -46.93
CA ALA A 71 -25.10 -22.62 -46.31
C ALA A 71 -24.42 -21.37 -45.76
N PHE A 72 -23.32 -21.55 -45.03
CA PHE A 72 -22.56 -20.42 -44.48
C PHE A 72 -22.11 -19.49 -45.60
N GLU A 73 -21.58 -20.08 -46.67
CA GLU A 73 -21.10 -19.33 -47.83
C GLU A 73 -22.23 -18.58 -48.52
N TRP A 74 -23.40 -19.21 -48.62
CA TRP A 74 -24.54 -18.57 -49.26
C TRP A 74 -24.97 -17.35 -48.48
N ILE A 75 -25.10 -17.47 -47.16
CA ILE A 75 -25.49 -16.35 -46.32
C ILE A 75 -24.60 -15.14 -46.57
N VAL A 76 -23.29 -15.37 -46.60
CA VAL A 76 -22.30 -14.32 -46.82
C VAL A 76 -22.28 -13.74 -48.24
N GLN A 77 -22.17 -14.61 -49.23
CA GLN A 77 -22.09 -14.19 -50.62
C GLN A 77 -23.39 -13.79 -51.31
N GLU A 78 -24.49 -14.43 -50.93
CA GLU A 78 -25.78 -14.14 -51.57
C GLU A 78 -26.76 -13.31 -50.76
N ASN A 79 -26.73 -13.43 -49.44
CA ASN A 79 -27.66 -12.69 -48.61
C ASN A 79 -27.04 -11.58 -47.75
N ASN A 80 -25.92 -11.03 -48.20
CA ASN A 80 -25.22 -9.95 -47.49
C ASN A 80 -24.89 -10.29 -46.03
N GLY A 81 -24.64 -11.56 -45.76
CA GLY A 81 -24.31 -12.01 -44.41
C GLY A 81 -25.48 -12.04 -43.44
N ALA A 82 -26.68 -11.74 -43.94
CA ALA A 82 -27.88 -11.71 -43.09
C ALA A 82 -28.57 -13.05 -42.84
N VAL A 83 -29.03 -13.21 -41.61
CA VAL A 83 -29.76 -14.40 -41.17
C VAL A 83 -31.02 -13.89 -40.47
N TYR A 84 -32.18 -14.19 -41.03
CA TYR A 84 -33.45 -13.74 -40.46
C TYR A 84 -33.86 -14.42 -39.17
N THR A 85 -34.72 -13.77 -38.40
CA THR A 85 -35.22 -14.33 -37.15
C THR A 85 -36.25 -15.40 -37.52
N GLU A 86 -36.43 -16.37 -36.64
CA GLU A 86 -37.38 -17.45 -36.89
C GLU A 86 -38.82 -16.94 -36.91
N ASP A 87 -39.16 -16.01 -36.03
CA ASP A 87 -40.54 -15.49 -36.01
C ASP A 87 -40.92 -14.67 -37.25
N SER A 88 -39.93 -14.16 -37.96
CA SER A 88 -40.19 -13.37 -39.17
C SER A 88 -40.18 -14.24 -40.43
N TYR A 89 -39.58 -15.43 -40.32
CA TYR A 89 -39.52 -16.38 -41.43
C TYR A 89 -39.65 -17.78 -40.82
N PRO A 90 -40.84 -18.12 -40.31
CA PRO A 90 -41.20 -19.40 -39.67
C PRO A 90 -40.93 -20.63 -40.52
N TYR A 91 -40.72 -21.76 -39.84
CA TYR A 91 -40.48 -23.02 -40.52
C TYR A 91 -41.81 -23.52 -41.08
N ALA A 92 -41.82 -23.85 -42.36
CA ALA A 92 -43.02 -24.33 -43.05
C ALA A 92 -42.72 -25.48 -44.01
N SER A 93 -41.71 -26.28 -43.70
CA SER A 93 -41.33 -27.42 -44.54
C SER A 93 -41.53 -28.76 -43.85
N GLY A 94 -42.19 -28.75 -42.69
CA GLY A 94 -42.42 -29.97 -41.94
C GLY A 94 -43.16 -31.08 -42.67
N GLU A 95 -43.94 -30.72 -43.69
CA GLU A 95 -44.71 -31.70 -44.46
C GLU A 95 -43.87 -32.40 -45.52
N GLY A 96 -42.69 -31.88 -45.80
CA GLY A 96 -41.81 -32.48 -46.79
C GLY A 96 -41.62 -31.62 -48.03
N ILE A 97 -42.34 -30.52 -48.10
CA ILE A 97 -42.25 -29.61 -49.24
C ILE A 97 -41.87 -28.21 -48.78
N SER A 98 -40.86 -27.65 -49.43
CA SER A 98 -40.39 -26.31 -49.11
C SER A 98 -41.04 -25.26 -50.00
N PRO A 99 -41.70 -24.26 -49.39
CA PRO A 99 -42.36 -23.18 -50.14
C PRO A 99 -41.32 -22.27 -50.80
N PRO A 100 -41.72 -21.53 -51.85
CA PRO A 100 -40.83 -20.61 -52.56
C PRO A 100 -40.17 -19.56 -51.67
N CYS A 101 -38.99 -19.10 -52.08
CA CYS A 101 -38.25 -18.08 -51.33
C CYS A 101 -38.89 -16.69 -51.42
N THR A 102 -39.09 -16.08 -50.26
CA THR A 102 -39.64 -14.73 -50.18
C THR A 102 -38.51 -13.82 -49.73
N THR A 103 -38.22 -12.79 -50.53
CA THR A 103 -37.12 -11.88 -50.22
C THR A 103 -37.47 -10.62 -49.43
N SER A 104 -38.67 -10.56 -48.88
CA SER A 104 -39.08 -9.40 -48.09
C SER A 104 -40.06 -9.80 -46.99
N GLY A 105 -40.28 -8.88 -46.05
CA GLY A 105 -41.17 -9.14 -44.95
C GLY A 105 -40.51 -9.91 -43.83
N HIS A 106 -39.17 -9.83 -43.76
CA HIS A 106 -38.39 -10.53 -42.75
C HIS A 106 -37.51 -9.56 -41.98
N THR A 107 -37.13 -9.96 -40.77
CA THR A 107 -36.28 -9.14 -39.92
C THR A 107 -34.94 -9.84 -39.74
N VAL A 108 -33.85 -9.07 -39.85
CA VAL A 108 -32.50 -9.61 -39.69
C VAL A 108 -32.26 -9.88 -38.21
N GLY A 109 -31.94 -11.12 -37.89
CA GLY A 109 -31.68 -11.49 -36.50
C GLY A 109 -30.20 -11.54 -36.18
N ALA A 110 -29.39 -11.92 -37.15
CA ALA A 110 -27.95 -12.02 -36.96
C ALA A 110 -27.24 -11.86 -38.29
N THR A 111 -25.93 -11.66 -38.22
CA THR A 111 -25.09 -11.52 -39.40
C THR A 111 -23.76 -12.25 -39.15
N ILE A 112 -23.19 -12.79 -40.22
CA ILE A 112 -21.92 -13.50 -40.13
C ILE A 112 -21.02 -12.95 -41.24
N THR A 113 -19.71 -13.11 -41.05
CA THR A 113 -18.75 -12.60 -42.03
C THR A 113 -18.07 -13.72 -42.82
N GLY A 114 -18.19 -14.96 -42.33
CA GLY A 114 -17.59 -16.09 -43.00
C GLY A 114 -17.71 -17.33 -42.14
N HIS A 115 -16.84 -18.31 -42.38
CA HIS A 115 -16.84 -19.55 -41.61
C HIS A 115 -15.45 -20.18 -41.64
N VAL A 116 -15.19 -21.04 -40.65
CA VAL A 116 -13.92 -21.75 -40.57
C VAL A 116 -14.19 -23.25 -40.52
N GLU A 117 -13.25 -24.02 -41.05
CA GLU A 117 -13.37 -25.47 -41.06
C GLU A 117 -12.33 -26.02 -40.08
N LEU A 118 -12.82 -26.71 -39.06
CA LEU A 118 -11.98 -27.28 -38.02
C LEU A 118 -11.27 -28.54 -38.51
N PRO A 119 -10.14 -28.89 -37.86
CA PRO A 119 -9.35 -30.08 -38.21
C PRO A 119 -10.13 -31.35 -37.92
N GLN A 120 -9.75 -32.42 -38.59
CA GLN A 120 -10.40 -33.71 -38.38
C GLN A 120 -9.71 -34.41 -37.22
N ASP A 121 -9.88 -33.83 -36.04
CA ASP A 121 -9.27 -34.33 -34.82
C ASP A 121 -10.19 -33.93 -33.67
N GLU A 122 -10.71 -34.92 -32.94
CA GLU A 122 -11.62 -34.67 -31.84
C GLU A 122 -11.05 -33.83 -30.69
N ALA A 123 -9.76 -34.04 -30.38
CA ALA A 123 -9.11 -33.29 -29.32
C ALA A 123 -8.99 -31.81 -29.73
N GLN A 124 -8.69 -31.58 -31.00
CA GLN A 124 -8.56 -30.23 -31.53
C GLN A 124 -9.91 -29.53 -31.66
N ILE A 125 -10.95 -30.29 -31.96
CA ILE A 125 -12.30 -29.74 -32.07
C ILE A 125 -12.78 -29.38 -30.67
N ALA A 126 -12.46 -30.23 -29.69
CA ALA A 126 -12.86 -30.00 -28.30
C ALA A 126 -12.21 -28.74 -27.77
N ALA A 127 -10.92 -28.57 -28.05
CA ALA A 127 -10.17 -27.40 -27.60
C ALA A 127 -10.78 -26.13 -28.19
N TRP A 128 -11.16 -26.19 -29.46
CA TRP A 128 -11.76 -25.03 -30.13
C TRP A 128 -13.14 -24.71 -29.55
N LEU A 129 -13.94 -25.76 -29.34
CA LEU A 129 -15.30 -25.62 -28.80
C LEU A 129 -15.32 -25.09 -27.36
N ALA A 130 -14.34 -25.51 -26.56
CA ALA A 130 -14.25 -25.09 -25.17
C ALA A 130 -14.12 -23.57 -25.04
N VAL A 131 -13.51 -22.95 -26.04
CA VAL A 131 -13.30 -21.51 -26.03
C VAL A 131 -14.23 -20.73 -26.95
N ASN A 132 -14.37 -21.19 -28.19
CA ASN A 132 -15.18 -20.51 -29.19
C ASN A 132 -16.67 -20.87 -29.33
N GLY A 133 -17.11 -21.97 -28.70
CA GLY A 133 -18.52 -22.33 -28.77
C GLY A 133 -18.93 -23.52 -29.61
N PRO A 134 -20.24 -23.82 -29.69
CA PRO A 134 -20.81 -24.94 -30.44
C PRO A 134 -20.32 -25.03 -31.89
N VAL A 135 -20.15 -26.25 -32.35
CA VAL A 135 -19.65 -26.54 -33.68
C VAL A 135 -20.64 -27.35 -34.51
N ALA A 136 -20.76 -27.00 -35.79
CA ALA A 136 -21.63 -27.72 -36.69
C ALA A 136 -20.82 -28.90 -37.20
N VAL A 137 -21.38 -30.11 -37.06
CA VAL A 137 -20.69 -31.32 -37.51
C VAL A 137 -21.64 -32.24 -38.26
N ALA A 138 -21.07 -33.04 -39.16
CA ALA A 138 -21.81 -34.02 -39.92
C ALA A 138 -21.49 -35.37 -39.30
N VAL A 139 -22.46 -36.26 -39.26
CA VAL A 139 -22.26 -37.58 -38.68
C VAL A 139 -23.02 -38.66 -39.47
N ASP A 140 -22.76 -39.91 -39.12
CA ASP A 140 -23.46 -41.04 -39.72
C ASP A 140 -24.53 -41.30 -38.66
N ALA A 141 -25.77 -40.98 -38.98
CA ALA A 141 -26.87 -41.16 -38.04
C ALA A 141 -27.75 -42.35 -38.35
N SER A 142 -27.22 -43.33 -39.07
CA SER A 142 -27.99 -44.51 -39.42
C SER A 142 -28.38 -45.35 -38.20
N SER A 143 -27.59 -45.26 -37.13
CA SER A 143 -27.86 -45.99 -35.89
C SER A 143 -28.75 -45.20 -34.95
N TRP A 144 -28.94 -43.92 -35.25
CA TRP A 144 -29.69 -43.01 -34.39
C TRP A 144 -31.19 -43.19 -34.26
N MET A 145 -31.81 -43.90 -35.18
CA MET A 145 -33.25 -44.10 -35.14
C MET A 145 -33.72 -44.87 -33.90
N THR A 146 -32.91 -45.80 -33.43
CA THR A 146 -33.24 -46.62 -32.26
C THR A 146 -32.70 -46.09 -30.93
N TYR A 147 -31.98 -44.96 -30.97
CA TYR A 147 -31.42 -44.37 -29.76
C TYR A 147 -32.51 -43.89 -28.82
N THR A 148 -32.38 -44.23 -27.52
CA THR A 148 -33.36 -43.84 -26.51
C THR A 148 -32.75 -43.13 -25.30
N GLY A 149 -31.43 -43.24 -25.15
CA GLY A 149 -30.76 -42.62 -24.03
C GLY A 149 -29.41 -43.22 -23.69
N GLY A 150 -28.70 -42.57 -22.77
CA GLY A 150 -27.39 -43.04 -22.35
C GLY A 150 -26.27 -42.68 -23.33
N VAL A 151 -25.05 -43.02 -22.97
CA VAL A 151 -23.89 -42.75 -23.83
C VAL A 151 -23.77 -43.87 -24.87
N MET A 152 -23.83 -43.50 -26.15
CA MET A 152 -23.70 -44.48 -27.22
C MET A 152 -22.23 -44.85 -27.40
N THR A 153 -21.88 -46.03 -26.92
CA THR A 153 -20.50 -46.53 -26.99
C THR A 153 -20.17 -47.25 -28.28
N SER A 154 -21.18 -47.48 -29.12
CA SER A 154 -20.98 -48.17 -30.40
C SER A 154 -21.89 -47.52 -31.44
N CYS A 155 -21.28 -46.96 -32.47
CA CYS A 155 -22.02 -46.28 -33.53
C CYS A 155 -21.55 -46.69 -34.91
N VAL A 156 -22.50 -46.94 -35.82
CA VAL A 156 -22.16 -47.30 -37.20
C VAL A 156 -21.49 -46.06 -37.81
N SER A 157 -20.21 -46.19 -38.14
CA SER A 157 -19.43 -45.09 -38.70
C SER A 157 -18.96 -45.40 -40.11
N GLU A 158 -19.86 -45.24 -41.08
CA GLU A 158 -19.55 -45.56 -42.46
C GLU A 158 -19.76 -44.43 -43.46
N GLN A 159 -20.90 -43.76 -43.39
CA GLN A 159 -21.22 -42.70 -44.34
C GLN A 159 -21.98 -41.51 -43.73
N LEU A 160 -21.43 -40.31 -43.90
CA LEU A 160 -22.04 -39.08 -43.40
C LEU A 160 -23.36 -38.86 -44.11
N ASP A 161 -24.42 -38.61 -43.35
CA ASP A 161 -25.75 -38.41 -43.93
C ASP A 161 -26.64 -37.48 -43.09
N HIS A 162 -26.06 -36.86 -42.07
CA HIS A 162 -26.83 -36.01 -41.17
C HIS A 162 -26.00 -34.86 -40.59
N GLY A 163 -26.64 -33.71 -40.41
CA GLY A 163 -25.96 -32.56 -39.85
C GLY A 163 -26.51 -32.23 -38.47
N VAL A 164 -25.62 -32.08 -37.48
CA VAL A 164 -26.01 -31.78 -36.10
C VAL A 164 -25.12 -30.70 -35.46
N LEU A 165 -25.35 -30.43 -34.18
CA LEU A 165 -24.59 -29.40 -33.46
C LEU A 165 -23.93 -29.92 -32.18
N LEU A 166 -22.61 -29.75 -32.06
CA LEU A 166 -21.87 -30.14 -30.87
C LEU A 166 -21.98 -29.01 -29.86
N VAL A 167 -22.59 -29.27 -28.70
CA VAL A 167 -22.74 -28.23 -27.69
C VAL A 167 -21.86 -28.41 -26.46
N GLY A 168 -21.11 -29.51 -26.40
CA GLY A 168 -20.26 -29.75 -25.25
C GLY A 168 -19.63 -31.11 -25.21
N TYR A 169 -18.93 -31.40 -24.11
CA TYR A 169 -18.27 -32.68 -23.91
C TYR A 169 -17.92 -32.86 -22.43
N ASN A 170 -17.58 -34.09 -22.05
CA ASN A 170 -17.22 -34.40 -20.67
C ASN A 170 -16.18 -35.51 -20.68
N ASP A 171 -14.94 -35.14 -20.35
CA ASP A 171 -13.83 -36.08 -20.31
C ASP A 171 -13.69 -36.73 -18.94
N SER A 172 -14.48 -36.26 -17.97
CA SER A 172 -14.45 -36.77 -16.60
C SER A 172 -15.31 -38.01 -16.34
N ALA A 173 -16.31 -38.23 -17.17
CA ALA A 173 -17.20 -39.38 -17.00
C ALA A 173 -16.50 -40.72 -17.23
N ALA A 174 -17.15 -41.81 -16.82
CA ALA A 174 -16.62 -43.17 -16.99
C ALA A 174 -16.15 -43.33 -18.42
N VAL A 175 -17.02 -42.91 -19.34
CA VAL A 175 -16.73 -42.94 -20.77
C VAL A 175 -16.90 -41.50 -21.24
N PRO A 176 -15.80 -40.84 -21.66
CA PRO A 176 -15.91 -39.46 -22.13
C PRO A 176 -16.89 -39.39 -23.30
N TYR A 177 -17.66 -38.30 -23.37
CA TYR A 177 -18.65 -38.17 -24.44
C TYR A 177 -18.85 -36.77 -24.99
N TRP A 178 -19.53 -36.70 -26.13
CA TRP A 178 -19.87 -35.45 -26.78
C TRP A 178 -21.37 -35.24 -26.53
N ILE A 179 -21.79 -33.98 -26.37
CA ILE A 179 -23.20 -33.67 -26.17
C ILE A 179 -23.65 -33.07 -27.51
N ILE A 180 -24.64 -33.70 -28.14
CA ILE A 180 -25.10 -33.27 -29.46
C ILE A 180 -26.58 -32.92 -29.53
N LYS A 181 -26.86 -31.73 -30.06
CA LYS A 181 -28.23 -31.27 -30.22
C LYS A 181 -28.73 -31.76 -31.57
N ASN A 182 -29.82 -32.52 -31.56
CA ASN A 182 -30.41 -33.04 -32.79
C ASN A 182 -31.63 -32.17 -33.12
N SER A 183 -32.26 -32.42 -34.28
CA SER A 183 -33.43 -31.64 -34.70
C SER A 183 -34.68 -32.49 -34.98
N TRP A 184 -34.93 -33.48 -34.13
CA TRP A 184 -36.06 -34.39 -34.27
C TRP A 184 -37.01 -34.30 -33.06
N THR A 185 -37.25 -33.08 -32.57
CA THR A 185 -38.09 -32.79 -31.40
C THR A 185 -37.46 -33.28 -30.10
N THR A 186 -38.02 -32.86 -28.98
CA THR A 186 -37.53 -33.25 -27.66
C THR A 186 -37.98 -34.66 -27.27
N GLN A 187 -38.82 -35.28 -28.09
CA GLN A 187 -39.31 -36.63 -27.84
C GLN A 187 -38.28 -37.70 -28.15
N TRP A 188 -37.33 -37.36 -29.01
CA TRP A 188 -36.26 -38.28 -29.39
C TRP A 188 -35.07 -38.13 -28.44
N GLY A 189 -34.44 -39.27 -28.12
CA GLY A 189 -33.27 -39.27 -27.25
C GLY A 189 -33.46 -38.64 -25.88
N GLU A 190 -32.41 -38.00 -25.39
CA GLU A 190 -32.46 -37.34 -24.08
C GLU A 190 -32.95 -35.91 -24.24
N GLU A 191 -34.26 -35.78 -24.44
CA GLU A 191 -34.91 -34.48 -24.64
C GLU A 191 -34.38 -33.77 -25.88
N GLY A 192 -34.14 -34.54 -26.95
CA GLY A 192 -33.65 -33.97 -28.19
C GLY A 192 -32.16 -34.07 -28.39
N TYR A 193 -31.44 -34.44 -27.33
CA TYR A 193 -29.99 -34.57 -27.39
C TYR A 193 -29.54 -36.01 -27.40
N ILE A 194 -28.27 -36.20 -27.76
CA ILE A 194 -27.65 -37.52 -27.79
C ILE A 194 -26.21 -37.38 -27.33
N ARG A 195 -25.74 -38.39 -26.61
CA ARG A 195 -24.37 -38.41 -26.13
C ARG A 195 -23.70 -39.60 -26.76
N ILE A 196 -22.56 -39.36 -27.40
CA ILE A 196 -21.80 -40.43 -28.03
C ILE A 196 -20.41 -40.44 -27.44
N ALA A 197 -19.77 -41.60 -27.43
CA ALA A 197 -18.43 -41.72 -26.89
C ALA A 197 -17.47 -40.81 -27.64
N LYS A 198 -16.56 -40.19 -26.90
CA LYS A 198 -15.57 -39.27 -27.45
C LYS A 198 -14.20 -39.91 -27.49
N GLY A 199 -13.49 -39.74 -28.61
CA GLY A 199 -12.15 -40.29 -28.74
C GLY A 199 -11.92 -41.35 -29.79
N SER A 200 -12.98 -42.03 -30.23
CA SER A 200 -12.84 -43.09 -31.23
C SER A 200 -13.57 -42.82 -32.54
N ASN A 201 -13.79 -41.54 -32.82
CA ASN A 201 -14.49 -41.08 -34.03
C ASN A 201 -15.84 -41.77 -34.24
N GLN A 202 -16.63 -41.81 -33.18
CA GLN A 202 -17.96 -42.42 -33.22
C GLN A 202 -18.85 -41.65 -34.19
N CYS A 203 -19.50 -42.39 -35.09
CA CYS A 203 -20.40 -41.81 -36.08
C CYS A 203 -19.68 -40.85 -37.03
N LEU A 204 -18.35 -40.96 -37.11
CA LEU A 204 -17.52 -40.10 -37.97
C LEU A 204 -17.63 -38.60 -37.63
N VAL A 205 -17.81 -38.32 -36.34
CA VAL A 205 -17.98 -36.96 -35.84
C VAL A 205 -16.87 -35.92 -36.11
N LYS A 206 -15.64 -36.36 -36.33
CA LYS A 206 -14.54 -35.42 -36.59
C LYS A 206 -14.32 -35.09 -38.06
N GLU A 207 -14.98 -35.82 -38.95
CA GLU A 207 -14.78 -35.64 -40.39
C GLU A 207 -15.18 -34.32 -41.04
N GLU A 208 -16.27 -33.69 -40.59
CA GLU A 208 -16.73 -32.45 -41.21
C GLU A 208 -17.22 -31.41 -40.21
N ALA A 209 -16.32 -30.84 -39.43
CA ALA A 209 -16.67 -29.84 -38.42
C ALA A 209 -16.40 -28.42 -38.93
N SER A 210 -17.27 -27.49 -38.56
CA SER A 210 -17.11 -26.11 -39.00
C SER A 210 -17.97 -25.17 -38.18
N SER A 211 -17.69 -23.87 -38.28
CA SER A 211 -18.44 -22.89 -37.54
C SER A 211 -18.46 -21.55 -38.28
N ALA A 212 -19.56 -20.82 -38.11
CA ALA A 212 -19.70 -19.50 -38.70
C ALA A 212 -18.85 -18.53 -37.89
N VAL A 213 -18.54 -17.38 -38.47
CA VAL A 213 -17.75 -16.36 -37.79
C VAL A 213 -18.59 -15.10 -37.72
N VAL A 214 -18.76 -14.58 -36.50
CA VAL A 214 -19.54 -13.36 -36.28
C VAL A 214 -18.66 -12.17 -35.93
N GLY A 215 -19.05 -10.99 -36.44
CA GLY A 215 -18.41 -9.72 -36.11
C GLY A 215 -16.92 -9.50 -36.29
N ALA B 1 44.82 26.94 46.68
CA ALA B 1 45.64 26.79 47.91
C ALA B 1 44.83 26.42 49.15
N PRO B 2 43.74 27.15 49.44
CA PRO B 2 42.95 26.82 50.62
C PRO B 2 42.47 25.37 50.60
N ALA B 3 42.32 24.79 51.80
CA ALA B 3 41.85 23.41 51.93
C ALA B 3 40.42 23.27 51.44
N ALA B 4 39.62 24.31 51.66
CA ALA B 4 38.22 24.30 51.26
C ALA B 4 37.73 25.70 50.93
N VAL B 5 36.93 25.79 49.86
CA VAL B 5 36.37 27.05 49.42
C VAL B 5 34.91 26.81 49.03
N ASP B 6 34.01 27.64 49.56
CA ASP B 6 32.60 27.54 49.24
C ASP B 6 32.10 28.96 48.98
N TRP B 7 31.92 29.30 47.70
CA TRP B 7 31.47 30.64 47.32
C TRP B 7 30.06 31.00 47.77
N ARG B 8 29.24 29.99 48.09
CA ARG B 8 27.88 30.26 48.56
C ARG B 8 27.99 30.93 49.93
N ALA B 9 29.03 30.57 50.68
CA ALA B 9 29.26 31.12 52.02
C ALA B 9 29.64 32.59 52.00
N ARG B 10 30.09 33.10 50.85
CA ARG B 10 30.46 34.51 50.72
C ARG B 10 29.30 35.29 50.09
N GLY B 11 28.18 34.61 49.85
CA GLY B 11 27.02 35.26 49.25
C GLY B 11 27.24 35.65 47.80
N ALA B 12 28.02 34.83 47.08
CA ALA B 12 28.34 35.08 45.69
C ALA B 12 27.50 34.28 44.70
N VAL B 13 26.64 33.39 45.21
CA VAL B 13 25.83 32.54 44.34
C VAL B 13 24.32 32.78 44.50
N THR B 14 23.62 32.89 43.37
CA THR B 14 22.18 33.10 43.39
C THR B 14 21.47 31.78 43.67
N ALA B 15 20.17 31.83 43.88
CA ALA B 15 19.36 30.64 44.14
C ALA B 15 19.36 29.68 42.97
N VAL B 16 19.05 28.42 43.26
CA VAL B 16 18.98 27.37 42.24
C VAL B 16 17.76 27.63 41.36
N LYS B 17 17.95 27.52 40.05
CA LYS B 17 16.88 27.77 39.10
C LYS B 17 16.33 26.50 38.47
N ASP B 18 15.38 26.66 37.55
CA ASP B 18 14.73 25.53 36.88
C ASP B 18 14.70 25.72 35.37
N GLN B 19 15.40 24.85 34.64
CA GLN B 19 15.43 24.95 33.18
C GLN B 19 14.20 24.31 32.53
N GLY B 20 13.46 23.52 33.29
CA GLY B 20 12.28 22.85 32.77
C GLY B 20 12.60 21.82 31.71
N GLN B 21 11.70 21.70 30.73
CA GLN B 21 11.84 20.74 29.63
C GLN B 21 12.69 21.27 28.47
N CYS B 22 13.37 22.38 28.70
CA CYS B 22 14.23 22.97 27.67
C CYS B 22 15.68 22.56 27.94
N GLY B 23 16.38 22.13 26.88
CA GLY B 23 17.77 21.73 27.03
C GLY B 23 18.70 22.93 27.04
N SER B 24 18.43 23.86 27.96
CA SER B 24 19.18 25.11 28.08
C SER B 24 20.23 25.16 29.19
N CYS B 25 20.71 23.99 29.61
CA CYS B 25 21.72 23.88 30.66
C CYS B 25 22.94 24.76 30.40
N TRP B 26 23.31 24.89 29.13
CA TRP B 26 24.46 25.71 28.73
C TRP B 26 24.26 27.18 29.10
N ALA B 27 23.01 27.62 29.02
CA ALA B 27 22.66 29.00 29.34
C ALA B 27 22.69 29.25 30.85
N PHE B 28 22.26 28.26 31.63
CA PHE B 28 22.28 28.39 33.08
C PHE B 28 23.71 28.34 33.61
N SER B 29 24.55 27.54 32.96
CA SER B 29 25.96 27.43 33.34
C SER B 29 26.66 28.76 33.06
N ALA B 30 26.44 29.31 31.86
CA ALA B 30 27.05 30.57 31.46
C ALA B 30 26.59 31.76 32.32
N ILE B 31 25.28 31.91 32.46
CA ILE B 31 24.70 33.00 33.26
C ILE B 31 25.05 32.89 34.75
N GLY B 32 25.03 31.66 35.28
CA GLY B 32 25.36 31.47 36.69
C GLY B 32 26.78 31.95 36.96
N ASN B 33 27.67 31.71 36.00
CA ASN B 33 29.05 32.13 36.10
C ASN B 33 29.15 33.66 36.08
N VAL B 34 28.40 34.29 35.16
CA VAL B 34 28.40 35.75 35.04
C VAL B 34 27.83 36.39 36.32
N GLU B 35 26.82 35.75 36.91
CA GLU B 35 26.21 36.26 38.13
C GLU B 35 27.23 36.33 39.26
N CYS B 36 28.03 35.28 39.39
CA CYS B 36 29.05 35.22 40.44
C CYS B 36 30.19 36.20 40.18
N GLN B 37 30.68 36.22 38.93
CA GLN B 37 31.77 37.11 38.54
C GLN B 37 31.41 38.59 38.70
N TRP B 38 30.15 38.92 38.44
CA TRP B 38 29.65 40.30 38.57
C TRP B 38 29.67 40.72 40.04
N PHE B 39 29.19 39.84 40.92
CA PHE B 39 29.17 40.12 42.35
C PHE B 39 30.60 40.31 42.87
N LEU B 40 31.50 39.42 42.45
CA LEU B 40 32.91 39.48 42.86
C LEU B 40 33.66 40.70 42.33
N ALA B 41 33.10 41.36 41.32
CA ALA B 41 33.72 42.56 40.75
C ALA B 41 33.32 43.78 41.58
N GLY B 42 32.53 43.54 42.63
CA GLY B 42 32.10 44.61 43.50
C GLY B 42 30.71 45.18 43.24
N HIS B 43 29.80 44.32 42.80
CA HIS B 43 28.44 44.75 42.51
C HIS B 43 27.47 43.87 43.28
N PRO B 44 26.25 44.36 43.56
CA PRO B 44 25.29 43.55 44.31
C PRO B 44 24.85 42.32 43.50
N LEU B 45 24.63 41.21 44.21
CA LEU B 45 24.21 39.95 43.60
C LEU B 45 22.92 40.20 42.83
N THR B 46 22.97 39.97 41.53
CA THR B 46 21.83 40.19 40.67
C THR B 46 21.51 38.97 39.81
N ASN B 47 20.23 38.59 39.78
CA ASN B 47 19.79 37.47 38.98
C ASN B 47 19.78 37.94 37.53
N LEU B 48 20.48 37.21 36.67
CA LEU B 48 20.58 37.55 35.26
C LEU B 48 19.72 36.63 34.39
N SER B 49 19.55 37.03 33.13
CA SER B 49 18.69 36.30 32.20
C SER B 49 19.23 35.16 31.34
N GLU B 50 18.72 33.96 31.58
CA GLU B 50 19.11 32.80 30.78
C GLU B 50 18.34 32.90 29.47
N GLN B 51 17.10 33.38 29.56
CA GLN B 51 16.21 33.52 28.40
C GLN B 51 16.83 34.36 27.29
N MET B 52 17.58 35.40 27.68
CA MET B 52 18.26 36.25 26.72
C MET B 52 19.11 35.39 25.78
N LEU B 53 19.85 34.44 26.35
CA LEU B 53 20.70 33.56 25.55
C LEU B 53 19.90 32.54 24.75
N VAL B 54 18.93 31.89 25.40
CA VAL B 54 18.12 30.88 24.73
C VAL B 54 17.37 31.44 23.52
N SER B 55 16.88 32.66 23.65
CA SER B 55 16.12 33.32 22.56
C SER B 55 16.94 34.11 21.55
N CYS B 56 17.98 34.80 22.02
CA CYS B 56 18.79 35.66 21.15
C CYS B 56 20.12 35.15 20.65
N ASP B 57 20.75 34.26 21.39
CA ASP B 57 22.04 33.71 21.00
C ASP B 57 21.84 32.74 19.84
N LYS B 58 22.11 33.20 18.61
CA LYS B 58 21.95 32.36 17.43
C LYS B 58 23.18 31.55 17.06
N THR B 59 24.25 31.69 17.82
CA THR B 59 25.46 30.91 17.57
C THR B 59 25.28 29.59 18.33
N ASP B 60 24.17 29.50 19.07
CA ASP B 60 23.82 28.32 19.83
C ASP B 60 22.41 27.86 19.43
N SER B 61 21.99 26.69 19.93
CA SER B 61 20.70 26.13 19.54
C SER B 61 19.54 26.09 20.53
N GLY B 62 19.43 27.12 21.37
CA GLY B 62 18.34 27.18 22.33
C GLY B 62 18.07 25.95 23.18
N CYS B 63 16.86 25.41 23.08
CA CYS B 63 16.48 24.23 23.84
C CYS B 63 17.09 22.95 23.30
N SER B 64 17.81 23.05 22.19
CA SER B 64 18.49 21.91 21.58
C SER B 64 19.97 21.87 22.00
N GLY B 65 20.38 22.79 22.87
CA GLY B 65 21.75 22.78 23.33
C GLY B 65 22.62 23.93 22.86
N GLY B 66 23.81 24.02 23.45
CA GLY B 66 24.74 25.08 23.11
C GLY B 66 26.03 24.91 23.89
N LEU B 67 26.92 25.89 23.75
CA LEU B 67 28.21 25.87 24.42
C LEU B 67 28.38 27.15 25.25
N MET B 68 28.86 27.01 26.48
CA MET B 68 29.07 28.17 27.35
C MET B 68 30.02 29.17 26.72
N ASN B 69 31.08 28.66 26.06
CA ASN B 69 32.05 29.53 25.40
C ASN B 69 31.42 30.33 24.25
N ASN B 70 30.50 29.72 23.51
CA ASN B 70 29.82 30.41 22.41
C ASN B 70 28.94 31.52 22.99
N ALA B 71 28.30 31.24 24.13
CA ALA B 71 27.43 32.20 24.80
C ALA B 71 28.20 33.44 25.27
N PHE B 72 29.35 33.22 25.91
CA PHE B 72 30.20 34.32 26.38
C PHE B 72 30.60 35.21 25.21
N GLU B 73 31.02 34.58 24.11
CA GLU B 73 31.44 35.29 22.91
C GLU B 73 30.29 36.08 22.29
N TRP B 74 29.10 35.50 22.29
CA TRP B 74 27.93 36.16 21.73
C TRP B 74 27.61 37.43 22.51
N ILE B 75 27.60 37.33 23.83
CA ILE B 75 27.31 38.48 24.69
C ILE B 75 28.24 39.65 24.33
N VAL B 76 29.53 39.35 24.21
CA VAL B 76 30.54 40.37 23.89
C VAL B 76 30.47 40.91 22.46
N GLN B 77 30.47 40.02 21.48
CA GLN B 77 30.46 40.41 20.08
C GLN B 77 29.13 40.85 19.49
N GLU B 78 28.04 40.28 19.96
CA GLU B 78 26.71 40.60 19.42
C GLU B 78 25.84 41.50 20.28
N ASN B 79 25.97 41.40 21.59
CA ASN B 79 25.13 42.20 22.48
C ASN B 79 25.86 43.29 23.27
N ASN B 80 26.97 43.78 22.72
CA ASN B 80 27.77 44.84 23.36
C ASN B 80 28.19 44.52 24.78
N GLY B 81 28.41 43.24 25.07
CA GLY B 81 28.82 42.81 26.39
C GLY B 81 27.74 42.85 27.45
N ALA B 82 26.52 43.19 27.05
CA ALA B 82 25.39 43.30 27.98
C ALA B 82 24.66 41.99 28.30
N VAL B 83 24.28 41.87 29.58
CA VAL B 83 23.55 40.73 30.10
C VAL B 83 22.37 41.31 30.87
N TYR B 84 21.16 41.04 30.42
CA TYR B 84 19.95 41.57 31.07
C TYR B 84 19.62 40.92 32.41
N THR B 85 18.84 41.64 33.23
CA THR B 85 18.42 41.12 34.52
C THR B 85 17.32 40.10 34.25
N GLU B 86 17.17 39.14 35.16
CA GLU B 86 16.16 38.11 35.01
C GLU B 86 14.74 38.68 35.08
N ASP B 87 14.51 39.64 35.98
CA ASP B 87 13.16 40.21 36.09
C ASP B 87 12.72 41.03 34.87
N SER B 88 13.68 41.48 34.07
CA SER B 88 13.35 42.25 32.86
C SER B 88 13.23 41.36 31.63
N TYR B 89 13.79 40.15 31.72
CA TYR B 89 13.71 39.17 30.63
C TYR B 89 13.58 37.80 31.28
N PRO B 90 12.41 37.52 31.89
CA PRO B 90 12.06 36.28 32.58
C PRO B 90 12.20 35.01 31.75
N TYR B 91 12.41 33.90 32.43
CA TYR B 91 12.54 32.60 31.76
C TYR B 91 11.15 32.16 31.32
N ALA B 92 11.04 31.79 30.04
CA ALA B 92 9.77 31.36 29.45
C ALA B 92 9.94 30.18 28.51
N SER B 93 10.94 29.34 28.77
CA SER B 93 11.20 28.17 27.92
C SER B 93 10.99 26.86 28.66
N GLY B 94 10.44 26.92 29.86
CA GLY B 94 10.20 25.73 30.65
C GLY B 94 9.36 24.63 30.02
N GLU B 95 8.52 25.01 29.04
CA GLU B 95 7.66 24.05 28.36
C GLU B 95 8.38 23.29 27.25
N GLY B 96 9.56 23.76 26.87
CA GLY B 96 10.33 23.09 25.83
C GLY B 96 10.46 23.92 24.57
N ILE B 97 9.78 25.05 24.52
CA ILE B 97 9.82 25.94 23.37
C ILE B 97 10.30 27.32 23.74
N SER B 98 11.29 27.82 23.01
CA SER B 98 11.84 29.15 23.26
C SER B 98 11.16 30.21 22.41
N PRO B 99 10.59 31.26 23.05
CA PRO B 99 9.92 32.34 22.32
C PRO B 99 10.94 33.20 21.56
N PRO B 100 10.50 33.93 20.53
CA PRO B 100 11.38 34.79 19.73
C PRO B 100 12.14 35.84 20.55
N CYS B 101 13.30 36.24 20.03
CA CYS B 101 14.14 37.23 20.70
C CYS B 101 13.55 38.64 20.63
N THR B 102 13.47 39.29 21.79
CA THR B 102 12.98 40.67 21.87
C THR B 102 14.19 41.53 22.21
N THR B 103 14.46 42.52 21.37
CA THR B 103 15.62 43.40 21.57
C THR B 103 15.39 44.69 22.36
N SER B 104 14.23 44.81 23.00
CA SER B 104 13.94 46.00 23.80
C SER B 104 13.03 45.67 24.97
N GLY B 105 12.93 46.61 25.91
CA GLY B 105 12.10 46.42 27.09
C GLY B 105 12.83 45.63 28.16
N HIS B 106 14.17 45.66 28.12
CA HIS B 106 14.99 44.95 29.09
C HIS B 106 15.96 45.90 29.77
N THR B 107 16.43 45.50 30.95
CA THR B 107 17.37 46.29 31.72
C THR B 107 18.70 45.54 31.81
N VAL B 108 19.80 46.26 31.60
CA VAL B 108 21.13 45.66 31.66
C VAL B 108 21.48 45.41 33.13
N GLY B 109 21.77 44.15 33.46
CA GLY B 109 22.12 43.81 34.83
C GLY B 109 23.61 43.70 35.04
N ALA B 110 24.33 43.27 34.01
CA ALA B 110 25.77 43.10 34.09
C ALA B 110 26.39 43.20 32.72
N THR B 111 27.71 43.35 32.68
CA THR B 111 28.46 43.43 31.43
C THR B 111 29.76 42.65 31.60
N ILE B 112 30.22 42.06 30.51
CA ILE B 112 31.47 41.29 30.51
C ILE B 112 32.31 41.78 29.32
N THR B 113 33.62 41.57 29.40
CA THR B 113 34.53 42.01 28.35
C THR B 113 35.10 40.85 27.54
N GLY B 114 34.96 39.63 28.07
CA GLY B 114 35.46 38.46 27.38
C GLY B 114 35.35 37.24 28.27
N HIS B 115 36.16 36.22 27.99
CA HIS B 115 36.16 35.00 28.80
C HIS B 115 37.51 34.30 28.67
N VAL B 116 37.81 33.45 29.65
CA VAL B 116 39.05 32.69 29.66
C VAL B 116 38.73 31.21 29.76
N GLU B 117 39.59 30.38 29.17
CA GLU B 117 39.41 28.95 29.21
C GLU B 117 40.49 28.36 30.12
N LEU B 118 40.04 27.72 31.19
CA LEU B 118 40.95 27.13 32.17
C LEU B 118 41.56 25.83 31.66
N PRO B 119 42.73 25.44 32.22
CA PRO B 119 43.43 24.21 31.83
C PRO B 119 42.62 22.98 32.22
N GLN B 120 42.90 21.88 31.54
CA GLN B 120 42.21 20.62 31.83
C GLN B 120 42.98 19.93 32.96
N ASP B 121 42.91 20.54 34.14
CA ASP B 121 43.59 20.03 35.31
C ASP B 121 42.77 20.50 36.52
N GLU B 122 42.28 19.54 37.31
CA GLU B 122 41.47 19.85 38.48
C GLU B 122 42.17 20.69 39.55
N ALA B 123 43.46 20.43 39.77
CA ALA B 123 44.22 21.17 40.76
C ALA B 123 44.37 22.63 40.31
N GLN B 124 44.58 22.83 39.01
CA GLN B 124 44.73 24.15 38.44
C GLN B 124 43.41 24.92 38.41
N ILE B 125 42.31 24.19 38.19
CA ILE B 125 40.99 24.80 38.18
C ILE B 125 40.63 25.21 39.60
N ALA B 126 40.99 24.36 40.58
CA ALA B 126 40.70 24.64 41.98
C ALA B 126 41.45 25.88 42.44
N ALA B 127 42.72 25.99 42.05
CA ALA B 127 43.55 27.13 42.42
C ALA B 127 42.96 28.42 41.84
N TRP B 128 42.47 28.36 40.61
CA TRP B 128 41.87 29.52 39.97
C TRP B 128 40.55 29.90 40.64
N LEU B 129 39.72 28.91 40.93
CA LEU B 129 38.42 29.12 41.58
C LEU B 129 38.54 29.68 42.99
N ALA B 130 39.56 29.22 43.72
CA ALA B 130 39.77 29.67 45.09
C ALA B 130 39.98 31.18 45.18
N VAL B 131 40.54 31.75 44.13
CA VAL B 131 40.82 33.18 44.09
C VAL B 131 39.84 33.98 43.23
N ASN B 132 39.59 33.51 42.02
CA ASN B 132 38.72 34.20 41.05
C ASN B 132 37.23 33.91 41.05
N GLY B 133 36.79 32.84 41.72
CA GLY B 133 35.36 32.55 41.78
C GLY B 133 34.83 31.35 41.00
N PRO B 134 33.51 31.12 41.03
CA PRO B 134 32.84 30.01 40.34
C PRO B 134 33.21 29.87 38.87
N VAL B 135 33.29 28.62 38.42
CA VAL B 135 33.68 28.30 37.06
C VAL B 135 32.59 27.52 36.33
N ALA B 136 32.38 27.85 35.06
CA ALA B 136 31.41 27.15 34.24
C ALA B 136 32.12 25.92 33.69
N VAL B 137 31.54 24.74 33.91
CA VAL B 137 32.14 23.50 33.44
C VAL B 137 31.10 22.60 32.78
N ALA B 138 31.56 21.76 31.86
CA ALA B 138 30.72 20.81 31.18
C ALA B 138 31.03 19.45 31.80
N VAL B 139 30.03 18.59 31.94
CA VAL B 139 30.22 17.28 32.54
C VAL B 139 29.35 16.24 31.83
N ASP B 140 29.59 14.98 32.18
CA ASP B 140 28.79 13.86 31.67
C ASP B 140 27.80 13.67 32.81
N ALA B 141 26.54 14.05 32.58
CA ALA B 141 25.52 13.93 33.60
C ALA B 141 24.56 12.78 33.39
N SER B 142 25.00 11.76 32.66
CA SER B 142 24.14 10.60 32.40
C SER B 142 23.81 9.81 33.66
N SER B 143 24.69 9.89 34.66
CA SER B 143 24.49 9.18 35.93
C SER B 143 23.72 10.04 36.93
N TRP B 144 23.56 11.32 36.61
CA TRP B 144 22.91 12.27 37.51
C TRP B 144 21.42 12.18 37.76
N MET B 145 20.70 11.47 36.89
CA MET B 145 19.26 11.33 37.05
C MET B 145 18.85 10.62 38.34
N THR B 146 19.66 9.65 38.76
CA THR B 146 19.39 8.87 39.97
C THR B 146 20.06 9.40 41.25
N TYR B 147 20.81 10.50 41.13
CA TYR B 147 21.49 11.08 42.29
C TYR B 147 20.49 11.63 43.30
N THR B 148 20.71 11.32 44.57
CA THR B 148 19.83 11.77 45.65
C THR B 148 20.57 12.47 46.80
N GLY B 149 21.89 12.30 46.85
CA GLY B 149 22.67 12.93 47.90
C GLY B 149 24.02 12.26 48.16
N GLY B 150 24.82 12.90 49.01
CA GLY B 150 26.14 12.38 49.32
C GLY B 150 27.18 12.67 48.26
N VAL B 151 28.43 12.28 48.53
CA VAL B 151 29.51 12.49 47.57
C VAL B 151 29.51 11.34 46.55
N MET B 152 29.37 11.69 45.27
CA MET B 152 29.36 10.68 44.22
C MET B 152 30.80 10.25 43.95
N THR B 153 31.14 9.05 44.42
CA THR B 153 32.48 8.50 44.25
C THR B 153 32.69 7.74 42.95
N SER B 154 31.62 7.53 42.21
CA SER B 154 31.67 6.82 40.94
C SER B 154 30.71 7.48 39.95
N CYS B 155 31.26 7.99 38.85
CA CYS B 155 30.47 8.68 37.85
C CYS B 155 30.82 8.23 36.44
N VAL B 156 29.80 8.00 35.62
CA VAL B 156 30.01 7.60 34.23
C VAL B 156 30.68 8.79 33.54
N SER B 157 31.92 8.61 33.12
CA SER B 157 32.70 9.66 32.47
C SER B 157 33.04 9.29 31.04
N GLU B 158 32.09 9.47 30.13
CA GLU B 158 32.28 9.12 28.74
C GLU B 158 32.04 10.24 27.72
N GLN B 159 30.93 10.96 27.88
CA GLN B 159 30.59 12.02 26.93
C GLN B 159 29.93 13.25 27.57
N LEU B 160 30.52 14.42 27.33
CA LEU B 160 30.00 15.69 27.85
C LEU B 160 28.64 15.96 27.23
N ASP B 161 27.65 16.26 28.08
CA ASP B 161 26.30 16.51 27.60
C ASP B 161 25.52 17.49 28.47
N HIS B 162 26.21 18.11 29.43
CA HIS B 162 25.54 19.01 30.36
C HIS B 162 26.46 20.13 30.85
N GLY B 163 25.89 21.32 31.05
CA GLY B 163 26.65 22.45 31.54
C GLY B 163 26.23 22.82 32.95
N VAL B 164 27.19 22.96 33.86
CA VAL B 164 26.92 23.31 35.26
C VAL B 164 27.90 24.35 35.80
N LEU B 165 27.81 24.66 37.09
CA LEU B 165 28.65 25.66 37.73
C LEU B 165 29.38 25.14 38.97
N LEU B 166 30.72 25.26 38.98
CA LEU B 166 31.53 24.85 40.12
C LEU B 166 31.54 26.01 41.11
N VAL B 167 31.01 25.80 42.31
CA VAL B 167 30.98 26.86 43.31
C VAL B 167 31.95 26.66 44.47
N GLY B 168 32.65 25.53 44.51
CA GLY B 168 33.57 25.28 45.58
C GLY B 168 34.15 23.89 45.61
N TYR B 169 34.92 23.60 46.66
CA TYR B 169 35.54 22.29 46.84
C TYR B 169 35.99 22.12 48.29
N ASN B 170 36.31 20.89 48.67
CA ASN B 170 36.77 20.59 50.01
C ASN B 170 37.75 19.44 49.97
N ASP B 171 39.03 19.75 50.18
CA ASP B 171 40.10 18.77 50.16
C ASP B 171 40.31 18.14 51.54
N SER B 172 39.63 18.66 52.55
CA SER B 172 39.74 18.17 53.93
C SER B 172 38.85 16.99 54.28
N ALA B 173 37.78 16.78 53.52
CA ALA B 173 36.85 15.68 53.79
C ALA B 173 37.48 14.31 53.53
N ALA B 174 36.81 13.26 54.02
CA ALA B 174 37.27 11.87 53.85
C ALA B 174 37.63 11.67 52.39
N VAL B 175 36.70 12.10 51.53
CA VAL B 175 36.88 12.04 50.09
C VAL B 175 36.74 13.47 49.59
N PRO B 176 37.82 14.07 49.08
CA PRO B 176 37.73 15.46 48.59
C PRO B 176 36.67 15.54 47.49
N TYR B 177 35.95 16.66 47.45
CA TYR B 177 34.89 16.81 46.46
C TYR B 177 34.71 18.22 45.90
N TRP B 178 33.94 18.29 44.82
CA TRP B 178 33.61 19.54 44.16
C TRP B 178 32.14 19.82 44.52
N ILE B 179 31.79 21.09 44.69
CA ILE B 179 30.41 21.48 44.98
C ILE B 179 29.89 22.07 43.67
N ILE B 180 28.83 21.48 43.13
CA ILE B 180 28.28 21.90 41.84
C ILE B 180 26.83 22.31 41.88
N LYS B 181 26.55 23.49 41.35
CA LYS B 181 25.19 24.02 41.28
C LYS B 181 24.57 23.52 39.98
N ASN B 182 23.46 22.82 40.10
CA ASN B 182 22.75 22.30 38.93
C ASN B 182 21.54 23.22 38.66
N SER B 183 20.82 22.98 37.57
CA SER B 183 19.65 23.80 37.22
C SER B 183 18.34 23.00 37.05
N TRP B 184 18.13 22.03 37.95
CA TRP B 184 16.94 21.17 37.92
C TRP B 184 16.10 21.33 39.19
N THR B 185 15.94 22.57 39.67
CA THR B 185 15.21 22.92 40.89
C THR B 185 15.93 22.42 42.15
N THR B 186 15.47 22.90 43.30
CA THR B 186 16.05 22.50 44.59
C THR B 186 15.56 21.13 45.04
N GLN B 187 14.64 20.53 44.30
CA GLN B 187 14.10 19.20 44.63
C GLN B 187 15.07 18.09 44.25
N TRP B 188 15.96 18.37 43.32
CA TRP B 188 16.96 17.40 42.88
C TRP B 188 18.23 17.50 43.74
N GLY B 189 18.83 16.35 44.02
CA GLY B 189 20.06 16.31 44.80
C GLY B 189 20.00 16.98 46.17
N GLU B 190 21.11 17.58 46.58
CA GLU B 190 21.18 18.26 47.86
C GLU B 190 20.76 19.71 47.70
N GLU B 191 19.44 19.90 47.60
CA GLU B 191 18.84 21.22 47.42
C GLU B 191 19.31 21.89 46.13
N GLY B 192 19.42 21.09 45.07
CA GLY B 192 19.83 21.61 43.78
C GLY B 192 21.30 21.44 43.47
N TYR B 193 22.08 21.06 44.48
CA TYR B 193 23.52 20.87 44.31
C TYR B 193 23.91 19.40 44.30
N ILE B 194 25.13 19.15 43.84
CA ILE B 194 25.69 17.81 43.80
C ILE B 194 27.17 17.88 44.15
N ARG B 195 27.65 16.87 44.85
CA ARG B 195 29.04 16.80 45.22
C ARG B 195 29.62 15.56 44.56
N ILE B 196 30.71 15.74 43.84
CA ILE B 196 31.37 14.62 43.17
C ILE B 196 32.81 14.57 43.66
N ALA B 197 33.39 13.38 43.64
CA ALA B 197 34.77 13.21 44.09
C ALA B 197 35.70 14.06 43.24
N LYS B 198 36.69 14.66 43.90
CA LYS B 198 37.66 15.52 43.25
C LYS B 198 39.02 14.82 43.12
N GLY B 199 39.62 14.93 41.94
CA GLY B 199 40.93 14.32 41.73
C GLY B 199 41.04 13.23 40.69
N SER B 200 39.91 12.59 40.35
CA SER B 200 39.94 11.51 39.36
C SER B 200 39.12 11.79 38.11
N ASN B 201 38.93 13.08 37.81
CA ASN B 201 38.17 13.54 36.64
C ASN B 201 36.78 12.91 36.56
N GLN B 202 36.07 12.92 37.68
CA GLN B 202 34.72 12.37 37.75
C GLN B 202 33.79 13.16 36.84
N CYS B 203 33.03 12.43 36.01
CA CYS B 203 32.08 13.04 35.08
C CYS B 203 32.77 13.94 34.05
N LEU B 204 34.08 13.77 33.88
CA LEU B 204 34.88 14.57 32.94
C LEU B 204 34.85 16.07 33.25
N VAL B 205 34.80 16.39 34.54
CA VAL B 205 34.72 17.77 35.03
C VAL B 205 35.85 18.75 34.65
N LYS B 206 37.04 18.25 34.33
CA LYS B 206 38.16 19.14 33.98
C LYS B 206 38.29 19.44 32.48
N GLU B 207 37.52 18.71 31.66
CA GLU B 207 37.61 18.86 30.20
C GLU B 207 37.23 20.19 29.56
N GLU B 208 36.20 20.86 30.08
CA GLU B 208 35.76 22.11 29.46
C GLU B 208 35.37 23.20 30.48
N ALA B 209 36.37 23.73 31.17
CA ALA B 209 36.13 24.77 32.18
C ALA B 209 36.42 26.17 31.62
N SER B 210 35.62 27.14 32.03
CA SER B 210 35.82 28.51 31.56
C SER B 210 35.06 29.50 32.42
N SER B 211 35.38 30.78 32.27
CA SER B 211 34.74 31.82 33.03
C SER B 211 34.72 33.13 32.28
N ALA B 212 33.67 33.92 32.51
CA ALA B 212 33.54 35.23 31.90
C ALA B 212 34.49 36.17 32.63
N VAL B 213 34.80 37.30 31.99
CA VAL B 213 35.68 38.30 32.59
C VAL B 213 34.91 39.60 32.70
N VAL B 214 34.85 40.14 33.91
CA VAL B 214 34.14 41.40 34.16
C VAL B 214 35.10 42.57 34.41
N GLY B 215 34.72 43.75 33.92
CA GLY B 215 35.43 44.99 34.17
C GLY B 215 36.92 45.14 33.86
N ALA C 1 16.27 -0.26 12.61
CA ALA C 1 17.05 -0.40 13.88
C ALA C 1 16.20 -0.81 15.07
N PRO C 2 15.08 -0.10 15.33
CA PRO C 2 14.25 -0.47 16.47
C PRO C 2 13.80 -1.92 16.42
N ALA C 3 13.61 -2.52 17.59
CA ALA C 3 13.17 -3.91 17.69
C ALA C 3 11.77 -4.07 17.14
N ALA C 4 10.93 -3.06 17.35
CA ALA C 4 9.55 -3.09 16.89
C ALA C 4 9.04 -1.69 16.55
N VAL C 5 8.29 -1.61 15.46
CA VAL C 5 7.72 -0.34 15.01
C VAL C 5 6.28 -0.61 14.56
N ASP C 6 5.35 0.20 15.05
CA ASP C 6 3.94 0.08 14.68
C ASP C 6 3.44 1.49 14.41
N TRP C 7 3.31 1.86 13.14
CA TRP C 7 2.84 3.19 12.77
C TRP C 7 1.41 3.50 13.15
N ARG C 8 0.60 2.48 13.42
CA ARG C 8 -0.78 2.71 13.85
C ARG C 8 -0.75 3.37 15.23
N ALA C 9 0.26 3.02 16.02
CA ALA C 9 0.44 3.56 17.37
C ALA C 9 0.79 5.03 17.39
N ARG C 10 1.27 5.56 16.27
CA ARG C 10 1.61 6.98 16.16
C ARG C 10 0.47 7.75 15.50
N GLY C 11 -0.63 7.05 15.21
CA GLY C 11 -1.77 7.69 14.57
C GLY C 11 -1.49 8.10 13.13
N ALA C 12 -0.68 7.31 12.44
CA ALA C 12 -0.31 7.59 11.06
C ALA C 12 -1.09 6.78 10.03
N VAL C 13 -1.95 5.86 10.49
CA VAL C 13 -2.72 5.01 9.58
C VAL C 13 -4.22 5.22 9.68
N THR C 14 -4.88 5.34 8.53
CA THR C 14 -6.33 5.52 8.49
C THR C 14 -7.01 4.17 8.72
N ALA C 15 -8.33 4.20 8.88
CA ALA C 15 -9.12 2.99 9.10
C ALA C 15 -9.07 2.05 7.90
N VAL C 16 -9.35 0.77 8.17
CA VAL C 16 -9.36 -0.25 7.13
C VAL C 16 -10.55 -0.01 6.20
N LYS C 17 -10.30 -0.09 4.90
CA LYS C 17 -11.34 0.15 3.91
C LYS C 17 -11.85 -1.13 3.23
N ASP C 18 -12.76 -0.97 2.30
CA ASP C 18 -13.36 -2.10 1.59
C ASP C 18 -13.33 -1.90 0.07
N GLN C 19 -12.59 -2.74 -0.63
CA GLN C 19 -12.51 -2.63 -2.09
C GLN C 19 -13.69 -3.28 -2.81
N GLY C 20 -14.45 -4.09 -2.08
CA GLY C 20 -15.59 -4.77 -2.65
C GLY C 20 -15.20 -5.78 -3.72
N GLN C 21 -16.06 -5.91 -4.74
CA GLN C 21 -15.86 -6.84 -5.84
C GLN C 21 -14.97 -6.28 -6.96
N CYS C 22 -14.32 -5.16 -6.70
CA CYS C 22 -13.44 -4.55 -7.67
C CYS C 22 -11.99 -4.93 -7.36
N GLY C 23 -11.24 -5.34 -8.38
CA GLY C 23 -9.85 -5.72 -8.19
C GLY C 23 -8.95 -4.49 -8.12
N SER C 24 -9.27 -3.58 -7.21
CA SER C 24 -8.55 -2.31 -7.04
C SER C 24 -7.54 -2.27 -5.89
N CYS C 25 -7.06 -3.43 -5.46
CA CYS C 25 -6.09 -3.53 -4.37
C CYS C 25 -4.87 -2.62 -4.57
N TRP C 26 -4.46 -2.46 -5.82
CA TRP C 26 -3.31 -1.64 -6.17
C TRP C 26 -3.55 -0.17 -5.78
N ALA C 27 -4.81 0.26 -5.91
CA ALA C 27 -5.20 1.63 -5.58
C ALA C 27 -5.23 1.85 -4.07
N PHE C 28 -5.67 0.84 -3.33
CA PHE C 28 -5.71 0.95 -1.87
C PHE C 28 -4.30 0.91 -1.28
N SER C 29 -3.42 0.15 -1.92
CA SER C 29 -2.04 0.06 -1.47
C SER C 29 -1.35 1.41 -1.71
N ALA C 30 -1.53 1.97 -2.91
CA ALA C 30 -0.94 3.25 -3.27
C ALA C 30 -1.44 4.41 -2.41
N ILE C 31 -2.77 4.54 -2.33
CA ILE C 31 -3.40 5.61 -1.54
C ILE C 31 -3.11 5.48 -0.03
N GLY C 32 -3.13 4.26 0.49
CA GLY C 32 -2.85 4.04 1.90
C GLY C 32 -1.45 4.54 2.23
N ASN C 33 -0.53 4.34 1.30
CA ASN C 33 0.85 4.78 1.47
C ASN C 33 0.91 6.31 1.47
N VAL C 34 0.20 6.94 0.53
CA VAL C 34 0.17 8.40 0.43
C VAL C 34 -0.46 9.01 1.69
N GLU C 35 -1.48 8.35 2.24
CA GLU C 35 -2.15 8.83 3.44
C GLU C 35 -1.17 8.91 4.61
N CYS C 36 -0.36 7.86 4.77
CA CYS C 36 0.61 7.80 5.84
C CYS C 36 1.74 8.82 5.64
N GLN C 37 2.28 8.86 4.42
CA GLN C 37 3.36 9.78 4.09
C GLN C 37 2.98 11.25 4.25
N TRP C 38 1.72 11.56 3.94
CA TRP C 38 1.19 12.92 4.06
C TRP C 38 1.14 13.32 5.53
N PHE C 39 0.65 12.42 6.39
CA PHE C 39 0.56 12.68 7.82
C PHE C 39 1.96 12.89 8.40
N LEU C 40 2.90 12.04 8.01
CA LEU C 40 4.28 12.11 8.48
C LEU C 40 5.04 13.35 8.00
N ALA C 41 4.50 14.01 6.97
CA ALA C 41 5.12 15.23 6.45
C ALA C 41 4.66 16.43 7.27
N GLY C 42 3.84 16.17 8.28
CA GLY C 42 3.35 17.21 9.16
C GLY C 42 1.96 17.75 8.84
N HIS C 43 1.09 16.89 8.35
CA HIS C 43 -0.27 17.30 8.01
C HIS C 43 -1.25 16.38 8.73
N PRO C 44 -2.49 16.86 8.97
CA PRO C 44 -3.46 16.01 9.66
C PRO C 44 -3.84 14.78 8.83
N LEU C 45 -4.07 13.66 9.51
CA LEU C 45 -4.44 12.40 8.87
C LEU C 45 -5.70 12.64 8.05
N THR C 46 -5.60 12.42 6.75
CA THR C 46 -6.71 12.64 5.84
C THR C 46 -6.97 11.42 4.96
N ASN C 47 -8.24 11.02 4.88
CA ASN C 47 -8.63 9.90 4.04
C ASN C 47 -8.59 10.40 2.59
N LEU C 48 -7.84 9.68 1.76
CA LEU C 48 -7.68 10.05 0.36
C LEU C 48 -8.49 9.12 -0.57
N SER C 49 -8.62 9.53 -1.83
CA SER C 49 -9.43 8.80 -2.79
C SER C 49 -8.82 7.69 -3.64
N GLU C 50 -9.32 6.47 -3.45
CA GLU C 50 -8.87 5.34 -4.24
C GLU C 50 -9.60 5.44 -5.59
N GLN C 51 -10.86 5.89 -5.54
CA GLN C 51 -11.70 6.03 -6.72
C GLN C 51 -11.04 6.90 -7.80
N MET C 52 -10.33 7.94 -7.37
CA MET C 52 -9.62 8.83 -8.28
C MET C 52 -8.72 8.00 -9.20
N LEU C 53 -7.99 7.05 -8.61
CA LEU C 53 -7.09 6.19 -9.39
C LEU C 53 -7.84 5.16 -10.24
N VAL C 54 -8.81 4.50 -9.63
CA VAL C 54 -9.58 3.48 -10.35
C VAL C 54 -10.29 4.04 -11.58
N SER C 55 -10.82 5.25 -11.46
CA SER C 55 -11.54 5.91 -12.56
C SER C 55 -10.69 6.72 -13.54
N CYS C 56 -9.69 7.44 -13.02
CA CYS C 56 -8.87 8.32 -13.83
C CYS C 56 -7.50 7.85 -14.29
N ASP C 57 -6.89 6.94 -13.53
CA ASP C 57 -5.57 6.43 -13.89
C ASP C 57 -5.71 5.47 -15.07
N LYS C 58 -5.39 5.96 -16.27
CA LYS C 58 -5.49 5.13 -17.46
C LYS C 58 -4.24 4.35 -17.81
N THR C 59 -3.19 4.51 -17.00
CA THR C 59 -1.96 3.75 -17.20
C THR C 59 -2.14 2.42 -16.46
N ASP C 60 -3.29 2.29 -15.78
CA ASP C 60 -3.65 1.09 -15.04
C ASP C 60 -5.03 0.60 -15.51
N SER C 61 -5.45 -0.56 -15.04
CA SER C 61 -6.71 -1.15 -15.49
C SER C 61 -7.90 -1.23 -14.55
N GLY C 62 -8.07 -0.21 -13.70
CA GLY C 62 -9.20 -0.18 -12.79
C GLY C 62 -9.47 -1.43 -11.97
N CYS C 63 -10.67 -1.99 -12.13
CA CYS C 63 -11.06 -3.19 -11.40
C CYS C 63 -10.39 -4.45 -11.92
N SER C 64 -9.63 -4.32 -13.01
CA SER C 64 -8.91 -5.44 -13.59
C SER C 64 -7.45 -5.46 -13.12
N GLY C 65 -7.09 -4.54 -12.22
CA GLY C 65 -5.75 -4.52 -11.70
C GLY C 65 -4.88 -3.35 -12.13
N GLY C 66 -3.71 -3.25 -11.49
CA GLY C 66 -2.79 -2.17 -11.78
C GLY C 66 -1.53 -2.32 -10.95
N LEU C 67 -0.65 -1.33 -11.04
CA LEU C 67 0.61 -1.33 -10.30
C LEU C 67 0.72 -0.07 -9.47
N MET C 68 1.15 -0.21 -8.21
CA MET C 68 1.30 0.94 -7.32
C MET C 68 2.26 1.97 -7.91
N ASN C 69 3.34 1.50 -8.52
CA ASN C 69 4.32 2.39 -9.13
C ASN C 69 3.73 3.20 -10.30
N ASN C 70 2.85 2.57 -11.08
CA ASN C 70 2.20 3.27 -12.20
C ASN C 70 1.28 4.35 -11.64
N ALA C 71 0.61 4.04 -10.53
CA ALA C 71 -0.32 4.97 -9.88
C ALA C 71 0.41 6.22 -9.37
N PHE C 72 1.54 6.01 -8.69
CA PHE C 72 2.34 7.12 -8.16
C PHE C 72 2.77 8.04 -9.31
N GLU C 73 3.25 7.43 -10.39
CA GLU C 73 3.71 8.16 -11.56
C GLU C 73 2.57 8.94 -12.23
N TRP C 74 1.39 8.34 -12.28
CA TRP C 74 0.23 8.98 -12.89
C TRP C 74 -0.14 10.24 -12.10
N ILE C 75 -0.21 10.12 -10.78
CA ILE C 75 -0.55 11.25 -9.92
C ILE C 75 0.36 12.45 -10.23
N VAL C 76 1.67 12.18 -10.29
CA VAL C 76 2.66 13.21 -10.56
C VAL C 76 2.65 13.78 -11.98
N GLN C 77 2.70 12.89 -12.97
CA GLN C 77 2.74 13.30 -14.36
C GLN C 77 1.43 13.72 -15.02
N GLU C 78 0.32 13.12 -14.59
CA GLU C 78 -0.98 13.44 -15.18
C GLU C 78 -1.91 14.30 -14.35
N ASN C 79 -1.82 14.18 -13.03
CA ASN C 79 -2.71 14.95 -12.17
C ASN C 79 -2.04 16.05 -11.33
N ASN C 80 -0.92 16.57 -11.83
CA ASN C 80 -0.17 17.63 -11.15
C ASN C 80 0.21 17.31 -9.71
N GLY C 81 0.44 16.03 -9.44
CA GLY C 81 0.81 15.58 -8.10
C GLY C 81 -0.33 15.58 -7.09
N ALA C 82 -1.54 15.92 -7.53
CA ALA C 82 -2.70 15.98 -6.65
C ALA C 82 -3.41 14.66 -6.37
N VAL C 83 -3.85 14.52 -5.11
CA VAL C 83 -4.58 13.35 -4.64
C VAL C 83 -5.79 13.90 -3.91
N TYR C 84 -6.99 13.62 -4.41
CA TYR C 84 -8.23 14.11 -3.81
C TYR C 84 -8.60 13.44 -2.49
N THR C 85 -9.42 14.13 -1.70
CA THR C 85 -9.89 13.59 -0.42
C THR C 85 -10.95 12.54 -0.75
N GLU C 86 -11.12 11.58 0.14
CA GLU C 86 -12.10 10.53 -0.07
C GLU C 86 -13.54 11.06 -0.04
N ASP C 87 -13.82 12.01 0.85
CA ASP C 87 -15.17 12.55 0.91
C ASP C 87 -15.58 13.38 -0.31
N SER C 88 -14.61 13.86 -1.06
CA SER C 88 -14.90 14.65 -2.27
C SER C 88 -14.96 13.77 -3.51
N TYR C 89 -14.39 12.57 -3.42
CA TYR C 89 -14.39 11.60 -4.53
C TYR C 89 -14.53 10.21 -3.90
N PRO C 90 -15.71 9.91 -3.34
CA PRO C 90 -16.07 8.65 -2.68
C PRO C 90 -15.87 7.40 -3.53
N TYR C 91 -15.66 6.27 -2.85
CA TYR C 91 -15.47 5.00 -3.54
C TYR C 91 -16.83 4.53 -4.04
N ALA C 92 -16.90 4.18 -5.32
CA ALA C 92 -18.14 3.74 -5.96
C ALA C 92 -17.90 2.57 -6.92
N SER C 93 -16.89 1.74 -6.63
CA SER C 93 -16.58 0.59 -7.48
C SER C 93 -16.78 -0.73 -6.77
N GLY C 94 -17.40 -0.70 -5.59
CA GLY C 94 -17.63 -1.91 -4.82
C GLY C 94 -18.43 -3.01 -5.51
N GLU C 95 -19.24 -2.63 -6.50
CA GLU C 95 -20.05 -3.59 -7.24
C GLU C 95 -19.28 -4.33 -8.33
N GLY C 96 -18.09 -3.83 -8.65
CA GLY C 96 -17.27 -4.47 -9.67
C GLY C 96 -17.08 -3.63 -10.92
N ILE C 97 -17.80 -2.50 -10.98
CA ILE C 97 -17.72 -1.61 -12.12
C ILE C 97 -17.29 -0.21 -11.69
N SER C 98 -16.29 0.32 -12.38
CA SER C 98 -15.77 1.64 -12.09
C SER C 98 -16.44 2.71 -12.96
N PRO C 99 -17.05 3.73 -12.34
CA PRO C 99 -17.70 4.82 -13.07
C PRO C 99 -16.68 5.70 -13.78
N PRO C 100 -17.09 6.44 -14.81
CA PRO C 100 -16.20 7.33 -15.56
C PRO C 100 -15.49 8.38 -14.70
N CYS C 101 -14.32 8.81 -15.16
CA CYS C 101 -13.52 9.81 -14.46
C CYS C 101 -14.13 11.20 -14.53
N THR C 102 -14.28 11.84 -13.37
CA THR C 102 -14.79 13.19 -13.28
C THR C 102 -13.61 14.08 -12.88
N THR C 103 -13.33 15.09 -13.70
CA THR C 103 -12.20 15.98 -13.44
C THR C 103 -12.48 17.26 -12.65
N SER C 104 -13.67 17.35 -12.05
CA SER C 104 -14.03 18.53 -11.26
C SER C 104 -14.98 18.16 -10.12
N GLY C 105 -15.13 19.08 -9.18
CA GLY C 105 -16.00 18.86 -8.04
C GLY C 105 -15.30 18.08 -6.94
N HIS C 106 -13.97 18.13 -6.93
CA HIS C 106 -13.17 17.42 -5.94
C HIS C 106 -12.24 18.38 -5.20
N THR C 107 -11.82 17.98 -4.01
CA THR C 107 -10.91 18.78 -3.20
C THR C 107 -9.59 18.05 -3.06
N VAL C 108 -8.49 18.79 -3.22
CA VAL C 108 -7.15 18.21 -3.11
C VAL C 108 -6.86 17.96 -1.62
N GLY C 109 -6.55 16.70 -1.30
CA GLY C 109 -6.26 16.34 0.07
C GLY C 109 -4.77 16.26 0.34
N ALA C 110 -4.00 15.85 -0.66
CA ALA C 110 -2.56 15.72 -0.52
C ALA C 110 -1.89 15.85 -1.87
N THR C 111 -0.57 16.01 -1.86
CA THR C 111 0.23 16.13 -3.07
C THR C 111 1.54 15.38 -2.87
N ILE C 112 2.05 14.81 -3.94
CA ILE C 112 3.30 14.06 -3.89
C ILE C 112 4.19 14.59 -5.04
N THR C 113 5.50 14.40 -4.90
CA THR C 113 6.44 14.86 -5.92
C THR C 113 7.07 13.74 -6.72
N GLY C 114 6.92 12.51 -6.21
CA GLY C 114 7.47 11.35 -6.90
C GLY C 114 7.36 10.12 -6.03
N HIS C 115 8.20 9.12 -6.29
CA HIS C 115 8.20 7.89 -5.51
C HIS C 115 9.56 7.21 -5.59
N VAL C 116 9.83 6.36 -4.60
CA VAL C 116 11.08 5.62 -4.55
C VAL C 116 10.79 4.13 -4.49
N GLU C 117 11.69 3.33 -5.04
CA GLU C 117 11.54 1.89 -5.03
C GLU C 117 12.59 1.31 -4.10
N LEU C 118 12.12 0.65 -3.05
CA LEU C 118 12.99 0.06 -2.04
C LEU C 118 13.65 -1.22 -2.54
N PRO C 119 14.80 -1.60 -1.93
CA PRO C 119 15.55 -2.80 -2.31
C PRO C 119 14.74 -4.05 -1.97
N GLN C 120 15.07 -5.14 -2.66
CA GLN C 120 14.40 -6.41 -2.42
C GLN C 120 15.12 -7.11 -1.27
N ASP C 121 15.00 -6.52 -0.08
CA ASP C 121 15.64 -7.02 1.11
C ASP C 121 14.77 -6.59 2.30
N GLU C 122 14.26 -7.56 3.05
CA GLU C 122 13.40 -7.29 4.19
C GLU C 122 14.03 -6.46 5.30
N ALA C 123 15.33 -6.69 5.56
CA ALA C 123 16.04 -5.95 6.60
C ALA C 123 16.18 -4.48 6.17
N GLN C 124 16.43 -4.27 4.89
CA GLN C 124 16.57 -2.92 4.34
C GLN C 124 15.24 -2.19 4.27
N ILE C 125 14.17 -2.94 4.00
CA ILE C 125 12.83 -2.36 3.94
C ILE C 125 12.41 -1.96 5.36
N ALA C 126 12.75 -2.81 6.32
CA ALA C 126 12.40 -2.57 7.72
C ALA C 126 13.10 -1.32 8.23
N ALA C 127 14.37 -1.18 7.89
CA ALA C 127 15.17 -0.03 8.30
C ALA C 127 14.58 1.26 7.72
N TRP C 128 14.14 1.20 6.47
CA TRP C 128 13.55 2.36 5.81
C TRP C 128 12.20 2.71 6.45
N LEU C 129 11.38 1.69 6.70
CA LEU C 129 10.05 1.87 7.28
C LEU C 129 10.10 2.41 8.71
N ALA C 130 11.10 1.97 9.48
CA ALA C 130 11.24 2.41 10.86
C ALA C 130 11.41 3.91 10.98
N VAL C 131 12.00 4.52 9.95
CA VAL C 131 12.26 5.94 9.94
C VAL C 131 11.30 6.75 9.05
N ASN C 132 11.12 6.28 7.82
CA ASN C 132 10.28 6.97 6.84
C ASN C 132 8.78 6.64 6.77
N GLY C 133 8.34 5.57 7.42
CA GLY C 133 6.92 5.24 7.40
C GLY C 133 6.45 4.05 6.59
N PRO C 134 5.13 3.79 6.56
CA PRO C 134 4.51 2.68 5.84
C PRO C 134 4.94 2.57 4.38
N VAL C 135 5.06 1.33 3.91
CA VAL C 135 5.51 1.03 2.56
C VAL C 135 4.47 0.23 1.79
N ALA C 136 4.31 0.57 0.52
CA ALA C 136 3.38 -0.13 -0.36
C ALA C 136 4.14 -1.34 -0.88
N VAL C 137 3.57 -2.52 -0.72
CA VAL C 137 4.21 -3.75 -1.18
C VAL C 137 3.21 -4.66 -1.88
N ALA C 138 3.73 -5.48 -2.80
CA ALA C 138 2.94 -6.44 -3.53
C ALA C 138 3.25 -7.80 -2.90
N VAL C 139 2.26 -8.67 -2.82
CA VAL C 139 2.45 -10.00 -2.24
C VAL C 139 1.63 -11.05 -2.99
N ASP C 140 1.88 -12.31 -2.64
CA ASP C 140 1.13 -13.42 -3.20
C ASP C 140 0.09 -13.65 -2.11
N ALA C 141 -1.16 -13.30 -2.39
CA ALA C 141 -2.22 -13.45 -1.41
C ALA C 141 -3.15 -14.62 -1.67
N SER C 142 -2.66 -15.61 -2.40
CA SER C 142 -3.48 -16.79 -2.72
C SER C 142 -3.84 -17.60 -1.47
N SER C 143 -3.01 -17.52 -0.44
CA SER C 143 -3.25 -18.24 0.82
C SER C 143 -4.08 -17.42 1.80
N TRP C 144 -4.25 -16.14 1.49
CA TRP C 144 -4.95 -15.20 2.37
C TRP C 144 -6.45 -15.34 2.55
N MET C 145 -7.12 -16.04 1.66
CA MET C 145 -8.57 -16.21 1.75
C MET C 145 -9.01 -16.96 3.01
N THR C 146 -8.19 -17.91 3.45
CA THR C 146 -8.50 -18.71 4.64
C THR C 146 -7.90 -18.18 5.96
N TYR C 147 -7.16 -17.07 5.88
CA TYR C 147 -6.54 -16.49 7.07
C TYR C 147 -7.59 -15.98 8.05
N THR C 148 -7.42 -16.30 9.33
CA THR C 148 -8.35 -15.88 10.38
C THR C 148 -7.67 -15.18 11.56
N GLY C 149 -6.35 -15.33 11.66
CA GLY C 149 -5.62 -14.70 12.76
C GLY C 149 -4.28 -15.35 13.04
N GLY C 150 -3.52 -14.70 13.93
CA GLY C 150 -2.20 -15.20 14.30
C GLY C 150 -1.12 -14.88 13.29
N VAL C 151 0.11 -15.25 13.61
CA VAL C 151 1.23 -15.01 12.70
C VAL C 151 1.29 -16.13 11.66
N MET C 152 1.19 -15.78 10.38
CA MET C 152 1.25 -16.77 9.32
C MET C 152 2.71 -17.17 9.09
N THR C 153 3.06 -18.37 9.57
CA THR C 153 4.41 -18.90 9.45
C THR C 153 4.69 -19.62 8.15
N SER C 154 3.64 -19.84 7.35
CA SER C 154 3.77 -20.54 6.08
C SER C 154 2.84 -19.89 5.06
N CYS C 155 3.42 -19.35 4.00
CA CYS C 155 2.67 -18.65 2.97
C CYS C 155 3.08 -19.09 1.57
N VAL C 156 2.09 -19.32 0.71
CA VAL C 156 2.37 -19.70 -0.69
C VAL C 156 3.05 -18.49 -1.33
N SER C 157 4.30 -18.64 -1.70
CA SER C 157 5.08 -17.56 -2.31
C SER C 157 5.49 -17.91 -3.73
N GLU C 158 4.57 -17.73 -4.66
CA GLU C 158 4.82 -18.05 -6.05
C GLU C 158 4.60 -16.94 -7.06
N GLN C 159 3.48 -16.24 -6.95
CA GLN C 159 3.15 -15.17 -7.89
C GLN C 159 2.44 -13.96 -7.27
N LEU C 160 3.02 -12.77 -7.47
CA LEU C 160 2.46 -11.53 -6.95
C LEU C 160 1.12 -11.28 -7.62
N ASP C 161 0.09 -11.00 -6.81
CA ASP C 161 -1.25 -10.76 -7.35
C ASP C 161 -2.08 -9.82 -6.48
N HIS C 162 -1.46 -9.20 -5.49
CA HIS C 162 -2.17 -8.33 -4.57
C HIS C 162 -1.29 -7.19 -4.03
N GLY C 163 -1.89 -6.02 -3.84
CA GLY C 163 -1.17 -4.88 -3.31
C GLY C 163 -1.67 -4.53 -1.91
N VAL C 164 -0.73 -4.39 -0.97
CA VAL C 164 -1.06 -4.07 0.43
C VAL C 164 -0.13 -3.02 1.02
N LEU C 165 -0.29 -2.73 2.32
CA LEU C 165 0.51 -1.72 3.00
C LEU C 165 1.21 -2.24 4.26
N LEU C 166 2.54 -2.10 4.32
CA LEU C 166 3.31 -2.51 5.50
C LEU C 166 3.26 -1.36 6.50
N VAL C 167 2.68 -1.60 7.67
CA VAL C 167 2.60 -0.55 8.67
C VAL C 167 3.52 -0.74 9.88
N GLY C 168 4.23 -1.87 9.92
CA GLY C 168 5.12 -2.11 11.05
C GLY C 168 5.72 -3.50 11.07
N TYR C 169 6.46 -3.79 12.15
CA TYR C 169 7.10 -5.08 12.33
C TYR C 169 7.49 -5.26 13.80
N ASN C 170 7.81 -6.49 14.18
CA ASN C 170 8.22 -6.80 15.54
C ASN C 170 9.24 -7.93 15.51
N ASP C 171 10.49 -7.59 15.78
CA ASP C 171 11.58 -8.56 15.80
C ASP C 171 11.76 -9.21 17.17
N SER C 172 11.01 -8.71 18.16
CA SER C 172 11.09 -9.22 19.54
C SER C 172 10.20 -10.42 19.84
N ALA C 173 9.17 -10.64 19.04
CA ALA C 173 8.25 -11.76 19.26
C ALA C 173 8.92 -13.11 19.00
N ALA C 174 8.25 -14.18 19.44
CA ALA C 174 8.74 -15.55 19.28
C ALA C 174 9.16 -15.74 17.83
N VAL C 175 8.27 -15.30 16.94
CA VAL C 175 8.51 -15.35 15.50
C VAL C 175 8.34 -13.91 15.02
N PRO C 176 9.45 -13.28 14.56
CA PRO C 176 9.34 -11.90 14.08
C PRO C 176 8.33 -11.82 12.95
N TYR C 177 7.58 -10.72 12.89
CA TYR C 177 6.56 -10.56 11.86
C TYR C 177 6.38 -9.16 11.31
N TRP C 178 5.66 -9.08 10.20
CA TRP C 178 5.32 -7.83 9.54
C TRP C 178 3.84 -7.58 9.85
N ILE C 179 3.46 -6.31 10.03
CA ILE C 179 2.06 -5.97 10.26
C ILE C 179 1.58 -5.36 8.93
N ILE C 180 0.55 -5.98 8.34
CA ILE C 180 0.05 -5.55 7.04
C ILE C 180 -1.42 -5.16 7.02
N LYS C 181 -1.69 -3.98 6.50
CA LYS C 181 -3.05 -3.46 6.38
C LYS C 181 -3.61 -3.96 5.05
N ASN C 182 -4.72 -4.69 5.11
CA ASN C 182 -5.37 -5.21 3.91
C ASN C 182 -6.58 -4.31 3.61
N SER C 183 -7.26 -4.55 2.48
CA SER C 183 -8.42 -3.75 2.10
C SER C 183 -9.70 -4.57 1.87
N TRP C 184 -9.94 -5.54 2.74
CA TRP C 184 -11.10 -6.42 2.65
C TRP C 184 -12.00 -6.31 3.89
N THR C 185 -12.20 -5.08 4.37
CA THR C 185 -12.99 -4.76 5.57
C THR C 185 -12.33 -5.26 6.85
N THR C 186 -12.83 -4.81 8.00
CA THR C 186 -12.29 -5.21 9.29
C THR C 186 -12.78 -6.61 9.72
N GLN C 187 -13.65 -7.21 8.92
CA GLN C 187 -14.18 -8.54 9.21
C GLN C 187 -13.17 -9.64 8.87
N TRP C 188 -12.24 -9.33 7.98
CA TRP C 188 -11.21 -10.27 7.56
C TRP C 188 -9.98 -10.15 8.47
N GLY C 189 -9.37 -11.30 8.77
CA GLY C 189 -8.18 -11.32 9.60
C GLY C 189 -8.29 -10.68 10.96
N GLU C 190 -7.21 -10.06 11.42
CA GLU C 190 -7.20 -9.40 12.73
C GLU C 190 -7.66 -7.95 12.56
N GLU C 191 -8.98 -7.79 12.41
CA GLU C 191 -9.60 -6.48 12.23
C GLU C 191 -9.09 -5.79 10.96
N GLY C 192 -8.92 -6.57 9.89
CA GLY C 192 -8.47 -6.02 8.63
C GLY C 192 -6.97 -6.15 8.38
N TYR C 193 -6.23 -6.53 9.41
CA TYR C 193 -4.79 -6.70 9.30
C TYR C 193 -4.38 -8.16 9.28
N ILE C 194 -3.13 -8.38 8.87
CA ILE C 194 -2.54 -9.71 8.83
C ILE C 194 -1.08 -9.61 9.24
N ARG C 195 -0.60 -10.63 9.96
CA ARG C 195 0.77 -10.67 10.39
C ARG C 195 1.40 -11.89 9.74
N ILE C 196 2.52 -11.68 9.06
CA ILE C 196 3.23 -12.77 8.41
C ILE C 196 4.65 -12.81 8.95
N ALA C 197 5.25 -13.99 8.94
CA ALA C 197 6.61 -14.13 9.43
C ALA C 197 7.56 -13.25 8.64
N LYS C 198 8.51 -12.65 9.34
CA LYS C 198 9.49 -11.76 8.75
C LYS C 198 10.87 -12.43 8.66
N GLY C 199 11.52 -12.29 7.52
CA GLY C 199 12.85 -12.87 7.34
C GLY C 199 13.01 -13.95 6.29
N SER C 200 11.92 -14.60 5.91
CA SER C 200 11.99 -15.68 4.91
C SER C 200 11.23 -15.39 3.62
N ASN C 201 11.02 -14.11 3.33
CA ASN C 201 10.30 -13.64 2.15
C ASN C 201 8.92 -14.29 1.99
N GLN C 202 8.17 -14.31 3.08
CA GLN C 202 6.83 -14.89 3.10
C GLN C 202 5.92 -14.11 2.15
N CYS C 203 5.21 -14.84 1.29
CA CYS C 203 4.30 -14.24 0.33
C CYS C 203 5.01 -13.31 -0.66
N LEU C 204 6.33 -13.45 -0.78
CA LEU C 204 7.15 -12.63 -1.68
C LEU C 204 7.08 -11.12 -1.35
N VAL C 205 6.97 -10.83 -0.06
CA VAL C 205 6.85 -9.45 0.44
C VAL C 205 7.96 -8.44 0.12
N LYS C 206 9.18 -8.92 -0.15
CA LYS C 206 10.28 -8.01 -0.45
C LYS C 206 10.46 -7.68 -1.94
N GLU C 207 9.76 -8.40 -2.79
CA GLU C 207 9.90 -8.24 -4.24
C GLU C 207 9.52 -6.91 -4.89
N GLU C 208 8.46 -6.27 -4.40
CA GLU C 208 8.01 -5.01 -5.01
C GLU C 208 7.57 -3.95 -4.00
N ALA C 209 8.52 -3.40 -3.26
CA ALA C 209 8.22 -2.38 -2.26
C ALA C 209 8.51 -0.98 -2.78
N SER C 210 7.68 -0.03 -2.39
CA SER C 210 7.86 1.36 -2.84
C SER C 210 7.05 2.32 -1.99
N SER C 211 7.36 3.60 -2.11
CA SER C 211 6.66 4.62 -1.36
C SER C 211 6.65 5.95 -2.10
N ALA C 212 5.58 6.70 -1.91
CA ALA C 212 5.43 8.02 -2.51
C ALA C 212 6.34 8.98 -1.73
N VAL C 213 6.66 10.12 -2.33
CA VAL C 213 7.49 11.12 -1.69
C VAL C 213 6.70 12.41 -1.59
N VAL C 214 6.57 12.94 -0.38
CA VAL C 214 5.84 14.17 -0.14
C VAL C 214 6.76 15.35 0.17
N GLY C 215 6.37 16.53 -0.33
CA GLY C 215 7.06 17.79 -0.03
C GLY C 215 8.54 17.97 -0.27
N1 VS1 D . -26.35 -33.92 -46.93
C3 VS1 D . -26.73 -34.31 -45.56
C12 VS1 D . -25.95 -33.52 -44.49
C14 VS1 D . -24.46 -33.66 -44.66
C15 VS1 D . -23.87 -34.85 -45.10
C16 VS1 D . -22.48 -34.92 -45.33
C17 VS1 D . -21.67 -33.80 -45.06
C18 VS1 D . -22.25 -32.63 -44.57
C19 VS1 D . -23.64 -32.55 -44.37
C11 VS1 D . -28.17 -34.00 -45.42
N20 VS1 D . -28.90 -34.92 -44.76
C21 VS1 D . -30.32 -34.65 -44.56
C23 VS1 D . -31.21 -35.65 -45.39
C24 VS1 D . -31.06 -35.49 -46.90
C29 VS1 D . -31.93 -36.48 -47.64
C30 VS1 D . -31.44 -37.76 -47.96
C31 VS1 D . -32.27 -38.72 -48.54
C32 VS1 D . -33.62 -38.39 -48.82
C33 VS1 D . -34.12 -37.12 -48.52
C34 VS1 D . -33.27 -36.16 -47.93
C25 VS1 D . -30.77 -35.98 -42.69
S26 VS1 D . -32.03 -36.63 -41.73
C35 VS1 D . -31.55 -38.28 -41.50
C36 VS1 D . -32.26 -39.31 -42.15
C37 VS1 D . -31.99 -40.66 -41.87
C38 VS1 D . -30.99 -41.01 -40.94
C39 VS1 D . -30.25 -39.99 -40.32
C40 VS1 D . -30.52 -38.64 -40.61
O36 VS1 D . -33.22 -36.63 -42.59
O35 VS1 D . -32.17 -35.94 -40.46
O13 VS1 D . -28.67 -32.98 -45.87
C2 VS1 D . -26.76 -34.70 -48.01
O10 VS1 D . -27.62 -35.57 -47.86
N4 VS1 D . -26.54 -34.16 -49.27
C5 VS1 D . -27.07 -34.89 -50.45
C6 VS1 D . -27.37 -33.87 -51.52
O7 VS1 D . -26.16 -33.19 -51.82
C8 VS1 D . -25.67 -32.41 -50.71
C9 VS1 D . -25.36 -33.33 -49.52
C22 VS1 D . -30.73 -34.71 -43.12
N1 VS1 E . 25.65 20.96 24.53
C3 VS1 E . 25.38 20.63 25.93
C12 VS1 E . 26.27 21.40 26.93
C14 VS1 E . 27.73 21.18 26.66
C15 VS1 E . 28.24 19.96 26.19
C16 VS1 E . 29.60 19.83 25.86
C17 VS1 E . 30.47 20.91 26.04
C18 VS1 E . 29.98 22.12 26.55
C19 VS1 E . 28.62 22.26 26.86
C11 VS1 E . 23.97 20.99 26.18
N20 VS1 E . 23.24 20.12 26.92
C21 VS1 E . 21.85 20.47 27.22
C23 VS1 E . 20.87 19.49 26.49
C24 VS1 E . 20.91 19.60 24.96
C29 VS1 E . 19.93 18.64 24.32
C30 VS1 E . 20.34 17.34 23.99
C31 VS1 E . 19.42 16.41 23.49
C32 VS1 E . 18.08 16.78 23.31
C33 VS1 E . 17.66 18.09 23.62
C34 VS1 E . 18.59 19.02 24.12
C25 VS1 E . 21.49 19.18 29.16
S26 VS1 E . 20.28 18.61 30.22
C35 VS1 E . 20.71 16.95 30.45
C36 VS1 E . 19.90 15.94 29.87
C37 VS1 E . 20.15 14.58 30.17
C38 VS1 E . 21.19 14.21 31.03
C39 VS1 E . 22.02 15.21 31.56
C40 VS1 E . 21.78 16.56 31.26
O36 VS1 E . 19.03 18.65 29.46
O35 VS1 E . 20.28 19.33 31.48
O13 VS1 E . 23.46 22.04 25.74
C2 VS1 E . 25.13 20.19 23.51
O10 VS1 E . 24.25 19.37 23.75
N4 VS1 E . 25.28 20.68 22.23
C5 VS1 E . 24.62 19.96 21.11
C6 VS1 E . 24.28 20.98 20.03
O7 VS1 E . 25.49 21.59 19.63
C8 VS1 E . 26.11 22.37 20.69
C9 VS1 E . 26.48 21.46 21.86
C22 VS1 E . 21.56 20.44 28.70
N1 VS1 F . -1.86 -6.29 -10.37
C3 VS1 F . -2.18 -6.65 -8.99
C12 VS1 F . -1.35 -5.88 -7.94
C14 VS1 F . 0.13 -6.06 -8.16
C15 VS1 F . 0.68 -7.26 -8.62
C16 VS1 F . 2.05 -7.37 -8.90
C17 VS1 F . 2.89 -6.27 -8.67
C18 VS1 F . 2.36 -5.08 -8.16
C19 VS1 F . 0.98 -4.96 -7.91
C11 VS1 F . -3.61 -6.31 -8.80
N20 VS1 F . -4.35 -7.22 -8.09
C21 VS1 F . -5.75 -6.89 -7.84
C23 VS1 F . -6.69 -7.88 -8.63
C24 VS1 F . -6.60 -7.74 -10.15
C29 VS1 F . -7.51 -8.71 -10.85
C30 VS1 F . -7.07 -10.01 -11.16
C31 VS1 F . -7.95 -10.95 -11.72
C32 VS1 F . -9.30 -10.59 -11.95
C33 VS1 F . -9.75 -9.30 -11.65
C34 VS1 F . -8.86 -8.36 -11.10
C25 VS1 F . -6.16 -8.21 -5.94
S26 VS1 F . -7.41 -8.81 -4.94
C35 VS1 F . -6.96 -10.48 -4.71
C36 VS1 F . -7.71 -11.49 -5.34
C37 VS1 F . -7.46 -12.86 -5.04
C38 VS1 F . -6.45 -13.21 -4.15
C39 VS1 F . -5.66 -12.21 -3.57
C40 VS1 F . -5.91 -10.86 -3.86
O36 VS1 F . -8.62 -8.79 -5.75
O35 VS1 F . -7.48 -8.12 -3.67
O13 VS1 F . -4.11 -5.28 -9.23
C2 VS1 F . -2.32 -7.06 -11.42
O10 VS1 F . -3.20 -7.90 -11.24
N4 VS1 F . -2.14 -6.54 -12.69
C5 VS1 F . -2.73 -7.27 -13.84
C6 VS1 F . -3.05 -6.24 -14.92
O7 VS1 F . -1.82 -5.60 -15.26
C8 VS1 F . -1.27 -4.82 -14.18
C9 VS1 F . -0.94 -5.74 -13.00
C22 VS1 F . -6.10 -6.94 -6.38
#